data_8I2C
#
_entry.id   8I2C
#
_cell.length_a   61.725
_cell.length_b   80.430
_cell.length_c   77.136
_cell.angle_alpha   90.00
_cell.angle_beta   106.05
_cell.angle_gamma   90.00
#
_symmetry.space_group_name_H-M   'P 1 21 1'
#
loop_
_entity.id
_entity.type
_entity.pdbx_description
1 polymer 'Tryptophan--tRNA ligase'
2 non-polymer 4-methoxyaniline
3 non-polymer 'SULFATE ION'
4 non-polymer "TRYPTOPHANYL-5'AMP"
5 non-polymer 1,2-ETHANEDIOL
6 water water
#
_entity_poly.entity_id   1
_entity_poly.type   'polypeptide(L)'
_entity_poly.pdbx_seq_one_letter_code
;MTKPIVFSGAQPSGELTIGNYMGALRQWVNMQDDYHCIYCIVDQHAITVRQDAQKLRKATLDTLALYLACGIDPEKSTIF
VQSHVPEHAQLGWALNCYTYFGELSRMTQFKDKSARYAENINAGLFDYPVLMAADILLYQTNLVPVGEDQKQHLELSRDI
AQRFNALYGEIFKVPEPFIPKSGARVMSLLEPTKKMSKSDDNRNNVIGLLEDPKSVVKKIKRAVTDSDEPPVVRYDVQNK
AGVSNLLDILSAVTGQSIPELEKQFEGKMYGHLKGEVADAVSGMLTELQERYHRFRNDEAFLQQVMKDGAEKASAHASRT
LKAVYEAIGFVAKRHHHHHH
;
_entity_poly.pdbx_strand_id   A,B
#
loop_
_chem_comp.id
_chem_comp.type
_chem_comp.name
_chem_comp.formula
EDO non-polymer 1,2-ETHANEDIOL 'C2 H6 O2'
O8U non-polymer 4-methoxyaniline 'C7 H9 N O'
SO4 non-polymer 'SULFATE ION' 'O4 S -2'
TYM non-polymer TRYPTOPHANYL-5'AMP 'C21 H24 N7 O8 P'
#
# COMPACT_ATOMS: atom_id res chain seq x y z
N LYS A 3 25.39 -3.21 -17.17
CA LYS A 3 25.48 -3.91 -15.86
C LYS A 3 24.09 -4.34 -15.40
N PRO A 4 23.92 -5.62 -15.03
CA PRO A 4 22.60 -5.98 -14.50
C PRO A 4 22.28 -5.26 -13.19
N ILE A 5 21.00 -5.03 -12.97
CA ILE A 5 20.53 -4.32 -11.81
C ILE A 5 20.21 -5.35 -10.74
N VAL A 6 20.78 -5.15 -9.55
CA VAL A 6 20.58 -6.02 -8.40
C VAL A 6 19.86 -5.23 -7.30
N PHE A 7 18.78 -5.81 -6.77
CA PHE A 7 18.02 -5.19 -5.68
C PHE A 7 18.07 -6.05 -4.40
N SER A 8 18.41 -5.41 -3.28
CA SER A 8 18.37 -6.03 -1.96
C SER A 8 17.64 -5.12 -1.00
N GLY A 9 16.76 -5.72 -0.19
CA GLY A 9 16.08 -5.02 0.88
C GLY A 9 16.78 -5.33 2.19
N ALA A 10 17.15 -4.28 2.93
CA ALA A 10 17.84 -4.40 4.22
C ALA A 10 16.90 -4.02 5.36
N GLN A 11 16.64 -4.95 6.27
CA GLN A 11 15.73 -4.71 7.39
C GLN A 11 16.36 -3.80 8.46
N PRO A 12 15.66 -2.71 8.85
CA PRO A 12 16.14 -1.84 9.95
C PRO A 12 15.71 -2.36 11.31
N SER A 13 16.36 -3.44 11.74
CA SER A 13 16.00 -4.22 12.95
C SER A 13 16.84 -5.47 13.04
N GLY A 14 17.22 -6.01 11.87
CA GLY A 14 18.24 -7.03 11.77
C GLY A 14 19.45 -6.74 12.64
N GLU A 15 19.87 -7.77 13.37
CA GLU A 15 20.99 -7.72 14.30
C GLU A 15 22.03 -8.62 13.63
N LEU A 16 22.78 -8.04 12.69
CA LEU A 16 23.64 -8.80 11.76
C LEU A 16 24.73 -9.60 12.46
N THR A 17 24.99 -10.80 11.95
CA THR A 17 26.03 -11.69 12.49
C THR A 17 27.22 -11.81 11.53
N ILE A 18 28.27 -12.47 12.01
CA ILE A 18 29.45 -12.78 11.19
C ILE A 18 29.11 -13.69 10.00
N GLY A 19 28.06 -14.49 10.14
CA GLY A 19 27.49 -15.25 9.02
C GLY A 19 26.98 -14.35 7.90
N ASN A 20 26.22 -13.32 8.27
CA ASN A 20 25.71 -12.35 7.28
C ASN A 20 26.87 -11.66 6.59
N TYR A 21 27.85 -11.22 7.38
CA TYR A 21 28.96 -10.44 6.87
C TYR A 21 29.91 -11.23 5.99
N MET A 22 30.48 -12.32 6.51
CA MET A 22 31.43 -13.14 5.75
C MET A 22 30.76 -13.97 4.66
N GLY A 23 29.46 -14.23 4.82
CA GLY A 23 28.65 -14.82 3.76
C GLY A 23 28.30 -13.81 2.69
N ALA A 24 27.03 -13.42 2.65
CA ALA A 24 26.50 -12.65 1.53
C ALA A 24 27.06 -11.24 1.45
N LEU A 25 27.17 -10.54 2.57
CA LEU A 25 27.61 -9.13 2.53
C LEU A 25 28.98 -8.93 1.89
N ARG A 26 29.97 -9.70 2.33
CA ARG A 26 31.33 -9.59 1.81
C ARG A 26 31.37 -9.98 0.33
N GLN A 27 30.61 -11.02 -0.03
CA GLN A 27 30.39 -11.43 -1.42
C GLN A 27 29.98 -10.22 -2.27
N TRP A 28 28.94 -9.51 -1.81
CA TRP A 28 28.39 -8.38 -2.58
C TRP A 28 29.19 -7.10 -2.56
N VAL A 29 29.92 -6.83 -1.47
CA VAL A 29 30.84 -5.69 -1.42
C VAL A 29 31.87 -5.76 -2.55
N ASN A 30 32.36 -6.96 -2.86
CA ASN A 30 33.35 -7.18 -3.93
C ASN A 30 32.75 -7.31 -5.35
N MET A 31 31.46 -6.99 -5.51
CA MET A 31 30.81 -7.03 -6.83
C MET A 31 30.05 -5.74 -7.15
N GLN A 32 30.42 -4.62 -6.51
CA GLN A 32 29.77 -3.33 -6.74
C GLN A 32 30.12 -2.69 -8.08
N ASP A 33 31.24 -3.10 -8.68
CA ASP A 33 31.59 -2.66 -10.05
C ASP A 33 31.08 -3.60 -11.16
N ASP A 34 30.69 -4.82 -10.80
CA ASP A 34 30.18 -5.81 -11.74
C ASP A 34 28.69 -5.65 -12.02
N TYR A 35 27.96 -5.13 -11.03
CA TYR A 35 26.52 -4.98 -11.08
C TYR A 35 26.16 -3.56 -10.66
N HIS A 36 24.96 -3.14 -11.04
CA HIS A 36 24.36 -1.91 -10.55
C HIS A 36 23.55 -2.30 -9.32
N CYS A 37 24.16 -2.18 -8.14
CA CYS A 37 23.56 -2.68 -6.90
C CYS A 37 22.72 -1.63 -6.20
N ILE A 38 21.52 -2.03 -5.78
CA ILE A 38 20.59 -1.18 -5.04
C ILE A 38 20.36 -1.79 -3.66
N TYR A 39 20.49 -0.96 -2.62
CA TYR A 39 20.28 -1.37 -1.22
C TYR A 39 19.22 -0.48 -0.60
N CYS A 40 18.09 -1.08 -0.26
CA CYS A 40 16.92 -0.35 0.19
C CYS A 40 16.66 -0.72 1.62
N ILE A 41 16.79 0.25 2.53
CA ILE A 41 16.52 0.03 3.93
C ILE A 41 15.00 0.08 4.10
N VAL A 42 14.41 -1.07 4.40
CA VAL A 42 12.97 -1.28 4.23
C VAL A 42 12.17 -0.94 5.48
N ASP A 43 12.12 0.36 5.78
CA ASP A 43 11.37 0.84 6.94
C ASP A 43 9.85 0.66 6.81
N GLN A 44 9.31 0.74 5.60
CA GLN A 44 7.87 0.46 5.39
C GLN A 44 7.52 -1.01 5.62
N HIS A 45 8.45 -1.92 5.33
CA HIS A 45 8.29 -3.33 5.72
C HIS A 45 8.38 -3.54 7.24
N ALA A 46 9.26 -2.80 7.91
CA ALA A 46 9.50 -2.97 9.35
C ALA A 46 8.25 -2.76 10.21
N ILE A 47 7.43 -1.78 9.84
CA ILE A 47 6.25 -1.41 10.64
C ILE A 47 5.08 -2.41 10.58
N THR A 48 5.20 -3.45 9.75
CA THR A 48 4.28 -4.60 9.79
C THR A 48 4.33 -5.32 11.15
N VAL A 49 5.44 -5.16 11.86
CA VAL A 49 5.58 -5.52 13.27
C VAL A 49 5.60 -4.24 14.09
N ARG A 50 4.66 -4.14 15.04
CA ARG A 50 4.57 -2.98 15.93
C ARG A 50 5.86 -2.81 16.71
N GLN A 51 6.38 -1.59 16.74
CA GLN A 51 7.70 -1.29 17.27
C GLN A 51 7.74 0.07 17.94
N ASP A 52 8.69 0.24 18.85
CA ASP A 52 8.96 1.55 19.43
C ASP A 52 9.47 2.48 18.32
N ALA A 53 8.85 3.65 18.22
CA ALA A 53 9.13 4.62 17.15
C ALA A 53 10.57 5.10 17.16
N GLN A 54 11.06 5.50 18.33
CA GLN A 54 12.41 6.03 18.46
C GLN A 54 13.48 4.98 18.13
N LYS A 55 13.23 3.73 18.52
CA LYS A 55 14.14 2.62 18.19
C LYS A 55 14.20 2.30 16.70
N LEU A 56 13.06 2.42 16.01
CA LEU A 56 13.01 2.23 14.56
C LEU A 56 13.82 3.30 13.84
N ARG A 57 13.70 4.55 14.29
CA ARG A 57 14.50 5.64 13.72
C ARG A 57 15.99 5.36 13.89
N LYS A 58 16.38 5.02 15.11
CA LYS A 58 17.75 4.64 15.45
C LYS A 58 18.25 3.46 14.61
N ALA A 59 17.45 2.39 14.56
CA ALA A 59 17.77 1.18 13.77
C ALA A 59 17.98 1.45 12.28
N THR A 60 17.22 2.40 11.72
CA THR A 60 17.38 2.76 10.31
C THR A 60 18.79 3.31 10.07
N LEU A 61 19.21 4.21 10.96
CA LEU A 61 20.54 4.81 10.87
C LEU A 61 21.67 3.83 11.24
N ASP A 62 21.44 2.97 12.23
CA ASP A 62 22.39 1.91 12.59
C ASP A 62 22.65 0.99 11.38
N THR A 63 21.57 0.59 10.71
CA THR A 63 21.67 -0.29 9.53
C THR A 63 22.44 0.38 8.38
N LEU A 64 22.14 1.66 8.14
CA LEU A 64 22.84 2.42 7.12
C LEU A 64 24.34 2.47 7.39
N ALA A 65 24.71 2.79 8.64
CA ALA A 65 26.11 2.96 9.01
C ALA A 65 26.84 1.61 8.94
N LEU A 66 26.16 0.54 9.35
CA LEU A 66 26.73 -0.80 9.30
C LEU A 66 26.98 -1.28 7.88
N TYR A 67 26.03 -1.03 6.98
CA TYR A 67 26.23 -1.36 5.57
C TYR A 67 27.39 -0.58 4.97
N LEU A 68 27.47 0.71 5.30
CA LEU A 68 28.60 1.54 4.89
C LEU A 68 29.91 0.97 5.46
N ALA A 69 29.89 0.64 6.75
CA ALA A 69 31.07 0.06 7.43
C ALA A 69 31.54 -1.25 6.78
N CYS A 70 30.59 -2.08 6.37
CA CYS A 70 30.88 -3.36 5.71
C CYS A 70 31.48 -3.20 4.31
N GLY A 71 31.37 -2.00 3.74
CA GLY A 71 32.05 -1.64 2.51
C GLY A 71 31.15 -1.22 1.37
N ILE A 72 29.84 -1.12 1.60
CA ILE A 72 28.94 -0.58 0.58
C ILE A 72 29.31 0.88 0.34
N ASP A 73 29.59 1.18 -0.91
CA ASP A 73 30.12 2.45 -1.34
C ASP A 73 28.98 3.22 -2.00
N PRO A 74 28.55 4.34 -1.39
CA PRO A 74 27.44 5.12 -1.96
C PRO A 74 27.74 5.80 -3.30
N GLU A 75 29.01 5.87 -3.70
CA GLU A 75 29.38 6.32 -5.05
C GLU A 75 29.25 5.22 -6.11
N LYS A 76 29.43 3.95 -5.71
CA LYS A 76 29.29 2.81 -6.61
C LYS A 76 27.85 2.29 -6.66
N SER A 77 27.32 1.96 -5.49
CA SER A 77 25.96 1.43 -5.35
C SER A 77 24.98 2.52 -4.93
N THR A 78 23.69 2.22 -5.03
CA THR A 78 22.63 3.09 -4.54
C THR A 78 22.12 2.55 -3.21
N ILE A 79 22.24 3.35 -2.16
CA ILE A 79 21.68 2.97 -0.85
C ILE A 79 20.74 4.09 -0.36
N PHE A 80 19.55 3.71 0.06
CA PHE A 80 18.52 4.68 0.43
C PHE A 80 17.49 4.08 1.37
N VAL A 81 16.70 4.94 1.99
CA VAL A 81 15.65 4.54 2.92
C VAL A 81 14.36 4.43 2.11
N GLN A 82 13.71 3.27 2.20
CA GLN A 82 12.48 2.97 1.45
C GLN A 82 11.44 4.12 1.49
N SER A 83 11.07 4.55 2.70
CA SER A 83 10.04 5.58 2.88
C SER A 83 10.34 6.95 2.23
N HIS A 84 11.62 7.20 1.91
CA HIS A 84 12.03 8.42 1.23
C HIS A 84 11.69 8.43 -0.26
N VAL A 85 11.25 7.30 -0.81
CA VAL A 85 10.91 7.20 -2.22
C VAL A 85 9.42 6.81 -2.33
N PRO A 86 8.53 7.82 -2.55
CA PRO A 86 7.08 7.56 -2.56
C PRO A 86 6.62 6.51 -3.57
N GLU A 87 7.37 6.36 -4.65
CA GLU A 87 7.04 5.43 -5.72
C GLU A 87 6.82 4.00 -5.25
N HIS A 88 7.50 3.58 -4.19
CA HIS A 88 7.33 2.23 -3.64
C HIS A 88 5.90 1.96 -3.23
N ALA A 89 5.33 2.86 -2.41
CA ALA A 89 3.93 2.77 -1.99
C ALA A 89 2.97 2.93 -3.16
N GLN A 90 3.30 3.84 -4.09
CA GLN A 90 2.46 4.04 -5.27
C GLN A 90 2.35 2.79 -6.12
N LEU A 91 3.52 2.21 -6.44
CA LEU A 91 3.53 0.99 -7.23
C LEU A 91 2.91 -0.17 -6.47
N GLY A 92 3.17 -0.22 -5.16
CA GLY A 92 2.58 -1.22 -4.28
C GLY A 92 1.06 -1.26 -4.41
N TRP A 93 0.42 -0.10 -4.33
CA TRP A 93 -1.04 -0.05 -4.48
C TRP A 93 -1.50 -0.54 -5.86
N ALA A 94 -0.86 -0.04 -6.91
CA ALA A 94 -1.21 -0.47 -8.27
C ALA A 94 -1.11 -1.99 -8.42
N LEU A 95 -0.01 -2.58 -7.96
CA LEU A 95 0.20 -4.03 -8.08
C LEU A 95 -0.77 -4.87 -7.21
N ASN A 96 -1.25 -4.32 -6.09
CA ASN A 96 -2.36 -4.95 -5.36
C ASN A 96 -3.52 -5.32 -6.28
N CYS A 97 -3.83 -4.41 -7.21
CA CYS A 97 -4.90 -4.61 -8.17
C CYS A 97 -4.63 -5.64 -9.27
N TYR A 98 -3.40 -6.13 -9.38
CA TYR A 98 -3.04 -7.23 -10.29
C TYR A 98 -2.46 -8.44 -9.54
N THR A 99 -2.77 -8.52 -8.24
CA THR A 99 -2.38 -9.65 -7.40
C THR A 99 -3.64 -10.29 -6.88
N TYR A 100 -3.73 -11.60 -7.01
CA TYR A 100 -4.88 -12.34 -6.49
C TYR A 100 -4.85 -12.40 -4.98
N PHE A 101 -6.01 -12.25 -4.35
CA PHE A 101 -6.16 -12.49 -2.92
C PHE A 101 -5.63 -13.88 -2.52
N GLY A 102 -5.99 -14.89 -3.32
CA GLY A 102 -5.54 -16.27 -3.11
C GLY A 102 -4.03 -16.45 -3.00
N GLU A 103 -3.29 -15.78 -3.88
CA GLU A 103 -1.83 -15.78 -3.84
C GLU A 103 -1.26 -15.28 -2.53
N LEU A 104 -1.90 -14.27 -1.92
CA LEU A 104 -1.48 -13.77 -0.60
C LEU A 104 -1.92 -14.68 0.55
N SER A 105 -3.12 -15.23 0.47
CA SER A 105 -3.59 -16.18 1.48
C SER A 105 -2.74 -17.46 1.50
N ARG A 106 -2.27 -17.87 0.32
CA ARG A 106 -1.42 -19.06 0.19
C ARG A 106 0.06 -18.82 0.52
N MET A 107 0.48 -17.58 0.72
CA MET A 107 1.83 -17.33 1.25
C MET A 107 1.93 -18.06 2.58
N THR A 108 3.09 -18.63 2.88
CA THR A 108 3.27 -19.51 4.04
C THR A 108 3.04 -18.75 5.37
N GLN A 109 1.77 -18.58 5.73
CA GLN A 109 1.35 -17.75 6.87
C GLN A 109 1.50 -18.50 8.21
N ALA A 118 -5.40 -15.29 13.69
CA ALA A 118 -5.97 -15.66 12.40
C ALA A 118 -6.58 -14.45 11.66
N GLU A 119 -7.48 -13.73 12.34
CA GLU A 119 -8.06 -12.48 11.84
C GLU A 119 -7.50 -11.22 12.56
N ASN A 120 -6.55 -11.43 13.48
CA ASN A 120 -5.91 -10.36 14.26
C ASN A 120 -4.49 -10.04 13.79
N ILE A 121 -4.08 -10.54 12.63
CA ILE A 121 -2.86 -10.07 12.00
C ILE A 121 -3.22 -8.76 11.28
N ASN A 122 -2.27 -7.81 11.23
CA ASN A 122 -2.54 -6.55 10.53
C ASN A 122 -2.45 -6.75 9.02
N ALA A 123 -3.14 -5.88 8.27
CA ALA A 123 -3.18 -5.98 6.81
C ALA A 123 -1.82 -5.81 6.14
N GLY A 124 -0.91 -5.10 6.79
CA GLY A 124 0.46 -4.94 6.31
C GLY A 124 1.20 -6.27 6.23
N LEU A 125 1.07 -7.07 7.27
CA LEU A 125 1.70 -8.39 7.33
C LEU A 125 1.12 -9.31 6.26
N PHE A 126 -0.18 -9.16 5.99
CA PHE A 126 -0.83 -9.89 4.88
C PHE A 126 -0.40 -9.38 3.50
N ASP A 127 -0.24 -8.07 3.36
CA ASP A 127 -0.08 -7.45 2.04
C ASP A 127 1.38 -7.13 1.66
N TYR A 128 2.34 -7.32 2.57
CA TYR A 128 3.73 -6.89 2.27
C TYR A 128 4.39 -7.60 1.09
N PRO A 129 3.99 -8.86 0.74
CA PRO A 129 4.63 -9.44 -0.46
C PRO A 129 4.38 -8.64 -1.74
N VAL A 130 3.27 -7.90 -1.81
CA VAL A 130 3.00 -7.01 -2.95
C VAL A 130 3.94 -5.80 -2.91
N LEU A 131 4.17 -5.25 -1.71
CA LEU A 131 5.14 -4.14 -1.57
C LEU A 131 6.54 -4.58 -1.98
N MET A 132 6.94 -5.78 -1.56
N MET A 132 6.93 -5.78 -1.57
CA MET A 132 8.20 -6.39 -1.98
CA MET A 132 8.22 -6.36 -1.98
C MET A 132 8.32 -6.45 -3.50
C MET A 132 8.33 -6.47 -3.50
N ALA A 133 7.26 -6.89 -4.16
CA ALA A 133 7.24 -6.96 -5.63
C ALA A 133 7.45 -5.60 -6.25
N ALA A 134 6.72 -4.60 -5.75
CA ALA A 134 6.92 -3.20 -6.14
C ALA A 134 8.35 -2.73 -5.89
N ASP A 135 8.91 -3.05 -4.72
CA ASP A 135 10.30 -2.66 -4.40
C ASP A 135 11.25 -3.11 -5.51
N ILE A 136 11.08 -4.34 -5.98
CA ILE A 136 11.94 -4.95 -6.99
C ILE A 136 11.63 -4.43 -8.41
N LEU A 137 10.36 -4.45 -8.78
CA LEU A 137 9.94 -4.10 -10.13
C LEU A 137 10.17 -2.64 -10.50
N LEU A 138 10.11 -1.75 -9.50
CA LEU A 138 10.39 -0.32 -9.72
C LEU A 138 11.71 -0.02 -10.43
N TYR A 139 12.74 -0.79 -10.15
CA TYR A 139 14.09 -0.51 -10.65
C TYR A 139 14.53 -1.36 -11.83
N GLN A 140 13.58 -2.00 -12.52
CA GLN A 140 13.88 -2.86 -13.67
C GLN A 140 14.93 -3.92 -13.27
N THR A 141 14.68 -4.55 -12.12
CA THR A 141 15.68 -5.40 -11.48
C THR A 141 15.87 -6.70 -12.27
N ASN A 142 17.12 -7.04 -12.52
CA ASN A 142 17.49 -8.28 -13.19
C ASN A 142 17.66 -9.43 -12.21
N LEU A 143 18.35 -9.15 -11.10
CA LEU A 143 18.73 -10.17 -10.11
C LEU A 143 18.32 -9.78 -8.70
N VAL A 144 17.81 -10.75 -7.94
CA VAL A 144 17.51 -10.56 -6.52
C VAL A 144 18.14 -11.69 -5.70
N PRO A 145 19.12 -11.35 -4.82
CA PRO A 145 19.67 -12.38 -3.94
C PRO A 145 18.75 -12.62 -2.74
N VAL A 146 18.06 -13.77 -2.74
CA VAL A 146 17.14 -14.11 -1.64
C VAL A 146 17.61 -15.35 -0.89
N GLY A 147 17.17 -15.46 0.37
CA GLY A 147 17.26 -16.71 1.12
C GLY A 147 16.10 -17.62 0.77
N GLU A 148 16.18 -18.87 1.23
CA GLU A 148 15.10 -19.86 1.07
C GLU A 148 13.73 -19.32 1.52
N ASP A 149 13.72 -18.64 2.67
CA ASP A 149 12.49 -18.08 3.25
C ASP A 149 11.75 -17.05 2.39
N GLN A 150 12.44 -16.43 1.43
CA GLN A 150 11.84 -15.43 0.54
C GLN A 150 11.79 -15.82 -0.93
N LYS A 151 11.96 -17.11 -1.21
CA LYS A 151 11.79 -17.67 -2.57
C LYS A 151 10.35 -17.50 -3.07
N GLN A 152 9.37 -17.75 -2.21
CA GLN A 152 7.96 -17.60 -2.55
C GLN A 152 7.60 -16.16 -2.96
N HIS A 153 8.21 -15.20 -2.28
CA HIS A 153 7.96 -13.78 -2.51
C HIS A 153 8.52 -13.37 -3.88
N LEU A 154 9.72 -13.83 -4.19
CA LEU A 154 10.31 -13.58 -5.50
C LEU A 154 9.44 -14.15 -6.61
N GLU A 155 8.97 -15.38 -6.41
CA GLU A 155 8.12 -16.03 -7.40
C GLU A 155 6.85 -15.22 -7.65
N LEU A 156 6.22 -14.74 -6.58
CA LEU A 156 5.05 -13.87 -6.73
C LEU A 156 5.39 -12.63 -7.57
N SER A 157 6.56 -12.02 -7.32
CA SER A 157 6.94 -10.80 -8.05
C SER A 157 7.20 -11.09 -9.54
N ARG A 158 7.72 -12.28 -9.83
CA ARG A 158 7.84 -12.74 -11.21
C ARG A 158 6.47 -12.94 -11.87
N ASP A 159 5.55 -13.56 -11.15
CA ASP A 159 4.19 -13.79 -11.66
C ASP A 159 3.43 -12.48 -11.87
N ILE A 160 3.56 -11.54 -10.94
CA ILE A 160 2.95 -10.21 -11.10
C ILE A 160 3.53 -9.51 -12.33
N ALA A 161 4.85 -9.53 -12.48
CA ALA A 161 5.51 -8.88 -13.63
C ALA A 161 5.08 -9.44 -14.98
N GLN A 162 5.00 -10.77 -15.08
CA GLN A 162 4.57 -11.44 -16.32
C GLN A 162 3.09 -11.17 -16.61
N ARG A 163 2.27 -11.24 -15.57
CA ARG A 163 0.84 -10.93 -15.70
C ARG A 163 0.59 -9.50 -16.20
N PHE A 164 1.29 -8.52 -15.62
CA PHE A 164 1.12 -7.12 -16.01
C PHE A 164 1.62 -6.88 -17.42
N ASN A 165 2.80 -7.43 -17.73
CA ASN A 165 3.37 -7.32 -19.07
C ASN A 165 2.49 -7.94 -20.15
N ALA A 166 1.86 -9.08 -19.85
CA ALA A 166 0.95 -9.71 -20.82
C ALA A 166 -0.26 -8.82 -21.16
N LEU A 167 -0.74 -8.02 -20.21
CA LEU A 167 -1.84 -7.09 -20.47
C LEU A 167 -1.39 -5.82 -21.18
N TYR A 168 -0.23 -5.27 -20.79
CA TYR A 168 0.14 -3.90 -21.17
C TYR A 168 1.38 -3.73 -22.05
N GLY A 169 2.10 -4.80 -22.34
CA GLY A 169 3.40 -4.73 -23.01
C GLY A 169 4.52 -4.86 -22.01
N GLU A 170 5.77 -4.84 -22.48
CA GLU A 170 6.93 -5.11 -21.64
C GLU A 170 7.31 -3.89 -20.79
N ILE A 171 6.57 -3.69 -19.71
CA ILE A 171 6.77 -2.57 -18.80
C ILE A 171 7.85 -2.94 -17.77
N PHE A 172 7.76 -4.14 -17.21
CA PHE A 172 8.71 -4.62 -16.20
C PHE A 172 9.72 -5.64 -16.75
N LYS A 173 10.89 -5.67 -16.13
CA LYS A 173 11.81 -6.81 -16.26
C LYS A 173 11.30 -7.90 -15.34
N VAL A 174 11.42 -9.15 -15.79
CA VAL A 174 11.11 -10.31 -14.97
C VAL A 174 12.39 -10.61 -14.18
N PRO A 175 12.37 -10.40 -12.85
CA PRO A 175 13.59 -10.60 -12.07
C PRO A 175 13.97 -12.08 -11.89
N GLU A 176 15.26 -12.35 -11.73
CA GLU A 176 15.75 -13.72 -11.50
C GLU A 176 16.40 -13.79 -10.13
N PRO A 177 16.39 -15.00 -9.51
CA PRO A 177 17.20 -15.13 -8.30
C PRO A 177 18.68 -15.10 -8.65
N PHE A 178 19.49 -14.62 -7.71
CA PHE A 178 20.93 -14.71 -7.84
C PHE A 178 21.30 -16.06 -7.28
N ILE A 179 21.71 -16.99 -8.16
CA ILE A 179 21.88 -18.40 -7.75
C ILE A 179 23.15 -18.67 -6.91
N PRO A 180 24.33 -18.21 -7.34
CA PRO A 180 25.55 -18.59 -6.62
C PRO A 180 25.64 -18.10 -5.16
N LYS A 181 25.94 -19.02 -4.24
CA LYS A 181 26.11 -18.72 -2.81
C LYS A 181 27.53 -18.26 -2.54
N SER A 182 27.71 -17.56 -1.42
CA SER A 182 29.01 -16.96 -1.05
C SER A 182 30.13 -17.98 -0.83
N GLY A 183 29.78 -19.11 -0.22
CA GLY A 183 30.74 -20.18 0.04
C GLY A 183 31.30 -20.19 1.45
N ALA A 184 31.20 -19.06 2.17
CA ALA A 184 31.55 -19.01 3.60
C ALA A 184 30.45 -19.70 4.41
N ARG A 185 30.84 -20.75 5.15
CA ARG A 185 29.91 -21.52 5.97
C ARG A 185 30.05 -21.08 7.42
N VAL A 186 28.94 -20.71 8.06
CA VAL A 186 28.96 -20.24 9.45
C VAL A 186 27.73 -20.78 10.18
N MET A 187 27.95 -21.72 11.09
CA MET A 187 26.88 -22.42 11.80
C MET A 187 26.71 -21.93 13.23
N SER A 188 25.54 -22.22 13.80
CA SER A 188 25.21 -21.86 15.18
C SER A 188 26.18 -22.50 16.17
N LEU A 189 26.60 -21.74 17.17
CA LEU A 189 27.66 -22.16 18.09
C LEU A 189 27.25 -23.31 19.02
N LEU A 190 26.02 -23.25 19.54
CA LEU A 190 25.50 -24.31 20.42
C LEU A 190 24.71 -25.37 19.66
N GLU A 191 24.47 -25.16 18.36
CA GLU A 191 23.79 -26.13 17.49
C GLU A 191 24.49 -26.13 16.12
N PRO A 192 25.69 -26.75 16.03
CA PRO A 192 26.49 -26.76 14.80
C PRO A 192 25.82 -27.29 13.54
N THR A 193 24.72 -28.03 13.68
CA THR A 193 23.96 -28.54 12.54
C THR A 193 23.19 -27.44 11.79
N LYS A 194 22.71 -26.42 12.52
CA LYS A 194 21.92 -25.31 11.94
C LYS A 194 22.77 -24.09 11.64
N LYS A 195 22.40 -23.34 10.60
CA LYS A 195 23.14 -22.14 10.19
C LYS A 195 23.00 -21.04 11.22
N MET A 196 24.03 -20.20 11.34
CA MET A 196 23.98 -19.05 12.22
C MET A 196 23.06 -18.05 11.53
N SER A 197 22.01 -17.63 12.24
CA SER A 197 20.95 -16.81 11.67
C SER A 197 20.72 -15.56 12.49
N LYS A 198 20.64 -14.43 11.79
CA LYS A 198 20.23 -13.15 12.38
C LYS A 198 18.88 -13.22 13.09
N SER A 199 18.01 -14.15 12.68
CA SER A 199 16.68 -14.33 13.30
C SER A 199 16.64 -15.23 14.54
N ASP A 200 17.79 -15.77 14.98
CA ASP A 200 17.86 -16.71 16.11
C ASP A 200 17.50 -16.02 17.44
N ASP A 201 16.48 -16.55 18.12
CA ASP A 201 16.09 -16.11 19.46
C ASP A 201 17.22 -16.33 20.47
N ASN A 202 17.84 -17.51 20.40
CA ASN A 202 19.00 -17.82 21.23
C ASN A 202 20.23 -17.10 20.67
N ARG A 203 20.67 -16.06 21.39
CA ARG A 203 21.80 -15.23 20.95
C ARG A 203 23.18 -15.83 21.27
N ASN A 204 23.23 -16.86 22.11
CA ASN A 204 24.48 -17.59 22.37
C ASN A 204 24.94 -18.38 21.12
N ASN A 205 23.99 -18.71 20.25
CA ASN A 205 24.28 -19.33 18.95
C ASN A 205 24.97 -18.41 17.92
N VAL A 206 24.93 -17.08 18.14
CA VAL A 206 25.41 -16.12 17.12
C VAL A 206 26.51 -15.22 17.67
N ILE A 207 27.26 -14.61 16.75
CA ILE A 207 28.19 -13.53 17.07
C ILE A 207 27.77 -12.32 16.25
N GLY A 208 27.20 -11.33 16.93
CA GLY A 208 26.82 -10.07 16.32
C GLY A 208 28.04 -9.26 15.90
N LEU A 209 27.87 -8.45 14.87
CA LEU A 209 28.99 -7.66 14.31
C LEU A 209 29.50 -6.55 15.23
N LEU A 210 28.71 -6.15 16.23
CA LEU A 210 29.11 -5.11 17.18
C LEU A 210 29.55 -5.65 18.55
N GLU A 211 29.74 -6.97 18.67
CA GLU A 211 30.20 -7.57 19.92
C GLU A 211 31.68 -7.25 20.18
N ASP A 212 32.02 -7.01 21.44
CA ASP A 212 33.41 -6.72 21.84
C ASP A 212 34.23 -8.01 22.03
N PRO A 213 35.58 -7.91 22.06
CA PRO A 213 36.44 -9.09 22.25
C PRO A 213 36.08 -10.01 23.44
N LYS A 214 35.69 -9.41 24.58
CA LYS A 214 35.28 -10.19 25.75
C LYS A 214 34.03 -11.01 25.49
N SER A 215 33.06 -10.41 24.80
CA SER A 215 31.81 -11.11 24.45
C SER A 215 32.06 -12.28 23.47
N VAL A 216 32.95 -12.06 22.49
CA VAL A 216 33.26 -13.08 21.49
C VAL A 216 33.98 -14.27 22.14
N VAL A 217 35.00 -13.98 22.96
CA VAL A 217 35.70 -15.00 23.78
C VAL A 217 34.72 -15.87 24.54
N LYS A 218 33.79 -15.23 25.24
CA LYS A 218 32.79 -15.93 26.04
C LYS A 218 31.94 -16.87 25.19
N LYS A 219 31.54 -16.42 24.02
CA LYS A 219 30.68 -17.22 23.14
C LYS A 219 31.44 -18.35 22.42
N ILE A 220 32.67 -18.07 21.97
CA ILE A 220 33.51 -19.09 21.32
C ILE A 220 33.91 -20.18 22.33
N LYS A 221 34.33 -19.76 23.54
CA LYS A 221 34.61 -20.69 24.66
C LYS A 221 33.46 -21.66 24.91
N ARG A 222 32.23 -21.15 24.90
CA ARG A 222 31.03 -21.97 25.11
C ARG A 222 30.63 -22.89 23.94
N ALA A 223 31.21 -22.68 22.76
CA ALA A 223 30.80 -23.39 21.54
C ALA A 223 31.01 -24.90 21.64
N VAL A 224 30.04 -25.65 21.10
CA VAL A 224 29.97 -27.11 21.22
C VAL A 224 31.11 -27.74 20.41
N THR A 225 31.74 -28.75 21.02
CA THR A 225 32.75 -29.59 20.37
C THR A 225 32.61 -31.02 20.87
N ASP A 226 33.09 -31.96 20.07
CA ASP A 226 32.95 -33.39 20.32
C ASP A 226 33.76 -33.91 21.51
N SER A 227 33.51 -35.17 21.86
CA SER A 227 34.22 -35.89 22.92
C SER A 227 35.31 -36.85 22.38
N ASP A 228 35.92 -36.53 21.23
CA ASP A 228 37.00 -37.35 20.68
C ASP A 228 38.16 -37.40 21.67
N GLU A 229 38.79 -38.57 21.76
CA GLU A 229 39.98 -38.79 22.57
C GLU A 229 41.04 -39.56 21.75
N PRO A 230 42.23 -38.99 21.51
CA PRO A 230 42.60 -37.61 21.89
C PRO A 230 41.78 -36.56 21.13
N PRO A 231 41.61 -35.36 21.70
CA PRO A 231 40.96 -34.33 20.91
C PRO A 231 41.77 -34.07 19.64
N VAL A 232 41.09 -33.92 18.51
CA VAL A 232 41.78 -33.70 17.25
C VAL A 232 41.06 -32.65 16.38
N VAL A 233 41.84 -31.68 15.90
CA VAL A 233 41.34 -30.60 15.07
C VAL A 233 41.35 -31.08 13.62
N ARG A 234 40.25 -31.72 13.23
CA ARG A 234 40.08 -32.27 11.90
C ARG A 234 38.68 -31.95 11.38
N TYR A 235 38.57 -31.63 10.09
CA TYR A 235 37.31 -31.25 9.47
C TYR A 235 36.47 -32.49 9.17
N ASP A 236 35.26 -32.51 9.70
CA ASP A 236 34.34 -33.63 9.58
C ASP A 236 32.98 -33.14 10.03
N VAL A 237 32.15 -32.72 9.10
CA VAL A 237 30.84 -32.14 9.42
C VAL A 237 29.92 -33.18 10.08
N GLN A 238 30.01 -34.44 9.67
CA GLN A 238 29.10 -35.48 10.17
C GLN A 238 29.40 -35.83 11.64
N ASN A 239 30.66 -36.10 11.95
CA ASN A 239 31.09 -36.57 13.26
C ASN A 239 31.66 -35.50 14.19
N LYS A 240 32.12 -34.38 13.63
CA LYS A 240 32.77 -33.31 14.40
C LYS A 240 32.23 -31.94 13.97
N ALA A 241 30.90 -31.80 14.01
CA ALA A 241 30.21 -30.58 13.55
C ALA A 241 30.76 -29.29 14.18
N GLY A 242 30.88 -29.27 15.51
CA GLY A 242 31.36 -28.08 16.23
C GLY A 242 32.77 -27.64 15.89
N VAL A 243 33.71 -28.59 15.88
CA VAL A 243 35.11 -28.33 15.53
C VAL A 243 35.21 -27.86 14.08
N SER A 244 34.42 -28.48 13.22
CA SER A 244 34.38 -28.14 11.81
C SER A 244 33.86 -26.71 11.60
N ASN A 245 32.83 -26.34 12.37
CA ASN A 245 32.33 -24.97 12.36
C ASN A 245 33.40 -23.96 12.76
N LEU A 246 34.18 -24.28 13.80
CA LEU A 246 35.26 -23.39 14.25
C LEU A 246 36.33 -23.22 13.17
N LEU A 247 36.67 -24.31 12.49
CA LEU A 247 37.59 -24.27 11.35
C LEU A 247 37.04 -23.41 10.21
N ASP A 248 35.78 -23.62 9.83
CA ASP A 248 35.14 -22.84 8.75
C ASP A 248 35.13 -21.34 9.05
N ILE A 249 34.79 -20.98 10.29
CA ILE A 249 34.82 -19.57 10.74
C ILE A 249 36.23 -18.99 10.58
N LEU A 250 37.23 -19.70 11.11
CA LEU A 250 38.62 -19.25 11.05
C LEU A 250 39.12 -19.12 9.62
N SER A 251 38.77 -20.10 8.79
CA SER A 251 39.11 -20.06 7.37
C SER A 251 38.50 -18.84 6.66
N ALA A 252 37.21 -18.60 6.92
CA ALA A 252 36.49 -17.46 6.35
C ALA A 252 37.13 -16.12 6.74
N VAL A 253 37.59 -16.03 7.99
CA VAL A 253 38.24 -14.81 8.48
C VAL A 253 39.62 -14.59 7.85
N THR A 254 40.48 -15.61 7.91
CA THR A 254 41.90 -15.44 7.54
C THR A 254 42.20 -15.77 6.08
N GLY A 255 41.32 -16.51 5.42
CA GLY A 255 41.57 -16.98 4.07
C GLY A 255 42.51 -18.18 3.99
N GLN A 256 42.87 -18.78 5.12
CA GLN A 256 43.69 -20.00 5.12
C GLN A 256 42.80 -21.17 4.80
N SER A 257 43.32 -22.14 4.04
CA SER A 257 42.52 -23.32 3.68
C SER A 257 42.34 -24.24 4.88
N ILE A 258 41.34 -25.09 4.81
CA ILE A 258 41.05 -26.05 5.87
C ILE A 258 42.26 -26.97 6.08
N PRO A 259 42.79 -27.58 4.99
CA PRO A 259 43.98 -28.43 5.17
C PRO A 259 45.18 -27.70 5.78
N GLU A 260 45.37 -26.42 5.43
CA GLU A 260 46.37 -25.59 6.10
C GLU A 260 46.11 -25.50 7.60
N LEU A 261 44.86 -25.23 7.99
CA LEU A 261 44.51 -25.09 9.41
C LEU A 261 44.64 -26.42 10.16
N GLU A 262 44.18 -27.51 9.55
CA GLU A 262 44.38 -28.87 10.10
C GLU A 262 45.84 -29.15 10.42
N LYS A 263 46.74 -28.77 9.51
CA LYS A 263 48.18 -28.88 9.77
C LYS A 263 48.65 -27.92 10.86
N GLN A 264 48.16 -26.67 10.83
CA GLN A 264 48.47 -25.67 11.86
C GLN A 264 48.12 -26.13 13.27
N PHE A 265 47.03 -26.89 13.43
CA PHE A 265 46.56 -27.33 14.76
C PHE A 265 46.93 -28.78 15.10
N GLU A 266 47.91 -29.35 14.41
CA GLU A 266 48.34 -30.72 14.66
C GLU A 266 48.90 -30.85 16.07
N GLY A 267 48.35 -31.79 16.86
CA GLY A 267 48.74 -31.97 18.27
C GLY A 267 48.17 -30.93 19.24
N LYS A 268 47.23 -30.11 18.78
CA LYS A 268 46.62 -29.06 19.58
C LYS A 268 45.22 -29.50 19.99
N MET A 269 44.83 -29.08 21.18
CA MET A 269 43.51 -29.25 21.75
C MET A 269 42.49 -28.16 21.30
N TYR A 270 41.24 -28.35 21.69
CA TYR A 270 40.14 -27.45 21.28
C TYR A 270 40.22 -26.05 21.92
N GLY A 271 40.85 -25.98 23.10
CA GLY A 271 41.19 -24.71 23.72
C GLY A 271 41.99 -23.77 22.83
N HIS A 272 43.06 -24.27 22.21
CA HIS A 272 43.93 -23.41 21.36
C HIS A 272 43.20 -22.93 20.10
N LEU A 273 42.36 -23.81 19.54
CA LEU A 273 41.54 -23.47 18.37
C LEU A 273 40.56 -22.34 18.69
N LYS A 274 39.82 -22.51 19.79
CA LYS A 274 38.85 -21.52 20.26
C LYS A 274 39.51 -20.17 20.50
N GLY A 275 40.68 -20.19 21.13
CA GLY A 275 41.48 -19.00 21.36
C GLY A 275 41.86 -18.30 20.07
N GLU A 276 42.28 -19.07 19.06
CA GLU A 276 42.64 -18.50 17.76
C GLU A 276 41.43 -18.01 16.97
N VAL A 277 40.29 -18.70 17.10
CA VAL A 277 39.04 -18.26 16.45
C VAL A 277 38.56 -16.93 17.05
N ALA A 278 38.54 -16.85 18.38
CA ALA A 278 38.15 -15.61 19.06
C ALA A 278 39.02 -14.42 18.67
N ASP A 279 40.34 -14.63 18.65
CA ASP A 279 41.29 -13.57 18.27
C ASP A 279 41.09 -13.15 16.83
N ALA A 280 40.83 -14.12 15.95
CA ALA A 280 40.64 -13.86 14.52
C ALA A 280 39.36 -13.06 14.24
N VAL A 281 38.24 -13.57 14.75
CA VAL A 281 36.94 -12.92 14.57
C VAL A 281 36.96 -11.48 15.12
N SER A 282 37.44 -11.30 16.35
CA SER A 282 37.52 -9.96 16.97
C SER A 282 38.49 -9.01 16.24
N GLY A 283 39.57 -9.53 15.69
CA GLY A 283 40.45 -8.76 14.79
C GLY A 283 39.65 -8.17 13.64
N MET A 284 38.89 -9.02 12.97
CA MET A 284 37.98 -8.60 11.90
C MET A 284 36.93 -7.58 12.39
N LEU A 285 36.27 -7.88 13.50
CA LEU A 285 35.19 -7.03 14.02
C LEU A 285 35.65 -5.66 14.53
N THR A 286 36.88 -5.57 15.03
CA THR A 286 37.42 -4.30 15.51
C THR A 286 37.64 -3.28 14.39
N GLU A 287 38.16 -3.73 13.25
CA GLU A 287 38.30 -2.86 12.06
C GLU A 287 36.94 -2.39 11.51
N LEU A 288 35.96 -3.28 11.56
CA LEU A 288 34.60 -3.02 11.11
C LEU A 288 33.88 -2.05 12.04
N GLN A 289 34.03 -2.28 13.34
CA GLN A 289 33.46 -1.41 14.37
C GLN A 289 34.03 0.02 14.35
N GLU A 290 35.31 0.18 14.06
CA GLU A 290 35.93 1.51 13.91
C GLU A 290 35.24 2.30 12.80
N ARG A 291 35.02 1.63 11.67
CA ARG A 291 34.35 2.25 10.53
C ARG A 291 32.90 2.58 10.85
N TYR A 292 32.21 1.65 11.52
CA TYR A 292 30.81 1.82 11.91
C TYR A 292 30.59 3.06 12.76
N HIS A 293 31.28 3.14 13.88
CA HIS A 293 31.13 4.28 14.80
C HIS A 293 31.52 5.61 14.15
N ARG A 294 32.55 5.59 13.32
CA ARG A 294 32.97 6.79 12.58
C ARG A 294 31.83 7.30 11.68
N PHE A 295 31.20 6.39 10.92
CA PHE A 295 30.07 6.74 10.06
C PHE A 295 28.84 7.07 10.85
N ARG A 296 28.54 6.24 11.85
CA ARG A 296 27.31 6.34 12.62
C ARG A 296 27.17 7.62 13.45
N ASN A 297 28.30 8.12 13.97
CA ASN A 297 28.32 9.36 14.74
C ASN A 297 28.41 10.63 13.87
N ASP A 298 28.58 10.48 12.55
CA ASP A 298 28.64 11.59 11.61
C ASP A 298 27.28 11.75 10.94
N GLU A 299 26.39 12.46 11.63
CA GLU A 299 25.02 12.69 11.17
C GLU A 299 24.95 13.37 9.80
N ALA A 300 25.81 14.35 9.55
CA ALA A 300 25.84 15.08 8.28
C ALA A 300 26.18 14.17 7.10
N PHE A 301 27.13 13.26 7.32
CA PHE A 301 27.49 12.27 6.31
C PHE A 301 26.31 11.32 6.02
N LEU A 302 25.63 10.87 7.07
CA LEU A 302 24.48 9.95 6.89
C LEU A 302 23.30 10.61 6.15
N GLN A 303 23.02 11.86 6.50
CA GLN A 303 22.01 12.66 5.80
C GLN A 303 22.33 12.82 4.31
N GLN A 304 23.59 13.11 4.01
CA GLN A 304 24.02 13.27 2.61
C GLN A 304 23.91 11.95 1.82
N VAL A 305 24.24 10.83 2.45
CA VAL A 305 24.13 9.51 1.81
C VAL A 305 22.65 9.18 1.53
N MET A 306 21.79 9.42 2.52
CA MET A 306 20.34 9.19 2.33
C MET A 306 19.73 10.08 1.26
N LYS A 307 20.13 11.36 1.20
CA LYS A 307 19.60 12.31 0.21
C LYS A 307 20.01 11.95 -1.22
N ASP A 308 21.30 11.72 -1.40
CA ASP A 308 21.86 11.32 -2.70
C ASP A 308 21.25 10.01 -3.19
N GLY A 309 21.09 9.05 -2.27
CA GLY A 309 20.57 7.74 -2.60
C GLY A 309 19.10 7.76 -2.99
N ALA A 310 18.30 8.44 -2.18
CA ALA A 310 16.89 8.69 -2.51
C ALA A 310 16.75 9.43 -3.84
N GLU A 311 17.61 10.42 -4.09
CA GLU A 311 17.60 11.17 -5.35
C GLU A 311 17.90 10.24 -6.53
N LYS A 312 18.89 9.37 -6.40
CA LYS A 312 19.21 8.39 -7.44
C LYS A 312 18.05 7.41 -7.68
N ALA A 313 17.53 6.86 -6.59
CA ALA A 313 16.43 5.89 -6.65
C ALA A 313 15.18 6.48 -7.31
N SER A 314 14.83 7.69 -6.90
CA SER A 314 13.65 8.39 -7.38
C SER A 314 13.66 8.64 -8.87
N ALA A 315 14.79 9.11 -9.40
CA ALA A 315 14.98 9.29 -10.84
C ALA A 315 14.61 8.02 -11.62
N HIS A 316 15.05 6.87 -11.12
CA HIS A 316 14.80 5.60 -11.79
C HIS A 316 13.35 5.13 -11.55
N ALA A 317 12.94 5.15 -10.29
CA ALA A 317 11.61 4.70 -9.87
C ALA A 317 10.49 5.49 -10.55
N SER A 318 10.67 6.81 -10.66
CA SER A 318 9.70 7.67 -11.31
C SER A 318 9.50 7.31 -12.79
N ARG A 319 10.58 6.93 -13.49
CA ARG A 319 10.47 6.52 -14.88
C ARG A 319 9.63 5.25 -15.06
N THR A 320 9.87 4.24 -14.24
CA THR A 320 9.06 3.03 -14.27
C THR A 320 7.59 3.34 -13.93
N LEU A 321 7.36 4.05 -12.82
CA LEU A 321 5.99 4.33 -12.37
C LEU A 321 5.19 5.15 -13.40
N LYS A 322 5.88 6.06 -14.10
CA LYS A 322 5.24 6.81 -15.19
C LYS A 322 4.73 5.87 -16.31
N ALA A 323 5.57 4.94 -16.75
CA ALA A 323 5.16 3.89 -17.69
C ALA A 323 4.02 3.00 -17.15
N VAL A 324 4.11 2.63 -15.88
CA VAL A 324 3.05 1.83 -15.25
C VAL A 324 1.72 2.61 -15.30
N TYR A 325 1.76 3.86 -14.85
CA TYR A 325 0.59 4.76 -14.83
C TYR A 325 0.01 5.02 -16.21
N GLU A 326 0.88 5.22 -17.20
CA GLU A 326 0.43 5.39 -18.60
C GLU A 326 -0.29 4.13 -19.12
N ALA A 327 0.27 2.96 -18.82
CA ALA A 327 -0.30 1.68 -19.27
C ALA A 327 -1.69 1.42 -18.68
N ILE A 328 -1.83 1.60 -17.37
CA ILE A 328 -3.10 1.44 -16.66
C ILE A 328 -4.18 2.40 -17.21
N GLY A 329 -3.75 3.60 -17.59
CA GLY A 329 -4.65 4.60 -18.15
C GLY A 329 -4.94 5.80 -17.27
N PHE A 330 -4.20 5.99 -16.17
CA PHE A 330 -4.40 7.15 -15.31
C PHE A 330 -4.10 8.43 -16.08
N VAL A 331 -4.88 9.47 -15.78
CA VAL A 331 -4.60 10.80 -16.31
C VAL A 331 -3.27 11.28 -15.72
N ALA A 332 -2.35 11.69 -16.58
CA ALA A 332 -1.03 12.12 -16.16
C ALA A 332 -1.14 13.37 -15.26
N LYS A 333 -0.34 13.39 -14.20
CA LYS A 333 -0.25 14.54 -13.30
C LYS A 333 0.14 15.82 -14.04
N ARG A 334 -0.42 16.95 -13.61
CA ARG A 334 -0.11 18.25 -14.17
C ARG A 334 0.95 18.89 -13.27
N HIS A 335 2.13 19.16 -13.81
CA HIS A 335 3.25 19.71 -13.04
C HIS A 335 3.30 21.23 -13.16
N THR B 2 -9.99 28.64 11.04
CA THR B 2 -10.22 27.90 9.75
C THR B 2 -11.49 27.04 9.82
N LYS B 3 -12.09 26.80 8.67
CA LYS B 3 -13.36 26.06 8.60
C LYS B 3 -13.11 24.59 8.83
N PRO B 4 -14.11 23.86 9.37
CA PRO B 4 -14.00 22.40 9.35
C PRO B 4 -13.85 21.87 7.92
N ILE B 5 -13.18 20.74 7.79
CA ILE B 5 -12.84 20.19 6.48
C ILE B 5 -13.83 19.10 6.08
N VAL B 6 -14.29 19.17 4.83
CA VAL B 6 -15.09 18.14 4.18
C VAL B 6 -14.22 17.44 3.14
N PHE B 7 -14.26 16.11 3.14
CA PHE B 7 -13.63 15.31 2.08
C PHE B 7 -14.59 14.24 1.58
N SER B 8 -14.66 14.07 0.28
CA SER B 8 -15.32 12.90 -0.31
C SER B 8 -14.77 12.62 -1.70
N GLY B 9 -15.05 11.43 -2.21
CA GLY B 9 -14.61 11.02 -3.54
C GLY B 9 -15.58 10.12 -4.28
N ALA B 10 -15.32 9.93 -5.57
CA ALA B 10 -16.10 9.01 -6.40
C ALA B 10 -15.21 8.38 -7.46
N GLN B 11 -15.50 7.12 -7.75
CA GLN B 11 -14.70 6.33 -8.68
C GLN B 11 -14.99 6.75 -10.12
N PRO B 12 -13.95 6.89 -10.95
CA PRO B 12 -14.18 7.00 -12.39
C PRO B 12 -14.29 5.61 -13.06
N SER B 13 -15.31 4.85 -12.67
CA SER B 13 -15.64 3.55 -13.26
C SER B 13 -17.15 3.53 -13.46
N GLY B 14 -17.61 2.87 -14.51
CA GLY B 14 -19.01 2.95 -14.92
C GLY B 14 -19.40 4.38 -15.28
N GLU B 15 -20.71 4.65 -15.23
CA GLU B 15 -21.26 5.98 -15.49
C GLU B 15 -22.10 6.38 -14.29
N LEU B 16 -21.70 7.45 -13.61
CA LEU B 16 -22.38 7.89 -12.39
C LEU B 16 -23.90 7.96 -12.59
N THR B 17 -24.63 7.49 -11.59
CA THR B 17 -26.09 7.40 -11.64
C THR B 17 -26.71 8.50 -10.81
N ILE B 18 -28.03 8.58 -10.90
CA ILE B 18 -28.80 9.45 -10.03
C ILE B 18 -28.58 9.03 -8.56
N GLY B 19 -28.32 7.75 -8.32
CA GLY B 19 -27.91 7.25 -7.00
C GLY B 19 -26.68 7.96 -6.47
N ASN B 20 -25.63 8.03 -7.28
CA ASN B 20 -24.39 8.72 -6.90
C ASN B 20 -24.61 10.20 -6.63
N TYR B 21 -25.49 10.82 -7.41
CA TYR B 21 -25.82 12.24 -7.23
C TYR B 21 -26.56 12.49 -5.91
N MET B 22 -27.58 11.69 -5.62
CA MET B 22 -28.46 11.91 -4.46
C MET B 22 -27.75 11.61 -3.14
N GLY B 23 -27.03 10.49 -3.12
CA GLY B 23 -26.29 10.06 -1.94
C GLY B 23 -25.07 10.87 -1.58
N ALA B 24 -24.44 11.51 -2.58
CA ALA B 24 -23.16 12.17 -2.38
C ALA B 24 -23.08 13.55 -3.03
N LEU B 25 -23.04 13.59 -4.36
CA LEU B 25 -22.69 14.83 -5.09
C LEU B 25 -23.63 16.02 -4.79
N ARG B 26 -24.93 15.74 -4.65
CA ARG B 26 -25.91 16.75 -4.21
C ARG B 26 -25.44 17.49 -2.94
N GLN B 27 -24.99 16.75 -1.94
CA GLN B 27 -24.55 17.32 -0.67
C GLN B 27 -23.23 18.06 -0.85
N TRP B 28 -22.34 17.51 -1.69
CA TRP B 28 -21.05 18.12 -1.96
C TRP B 28 -21.22 19.58 -2.41
N VAL B 29 -22.18 19.80 -3.31
CA VAL B 29 -22.44 21.13 -3.88
C VAL B 29 -22.96 22.10 -2.80
N ASN B 30 -23.83 21.60 -1.93
CA ASN B 30 -24.45 22.44 -0.90
C ASN B 30 -23.51 22.79 0.27
N MET B 31 -22.44 22.01 0.47
CA MET B 31 -21.51 22.24 1.58
C MET B 31 -20.34 23.20 1.28
N GLN B 32 -20.24 23.69 0.05
CA GLN B 32 -19.04 24.39 -0.42
C GLN B 32 -18.69 25.69 0.30
N ASP B 33 -19.69 26.49 0.65
CA ASP B 33 -19.43 27.74 1.41
C ASP B 33 -19.33 27.47 2.92
N ASP B 34 -20.15 26.54 3.42
CA ASP B 34 -20.24 26.28 4.85
C ASP B 34 -19.00 25.62 5.45
N TYR B 35 -18.32 24.79 4.65
CA TYR B 35 -17.13 24.07 5.09
C TYR B 35 -16.03 24.20 4.06
N HIS B 36 -14.81 23.82 4.44
CA HIS B 36 -13.68 23.78 3.50
C HIS B 36 -13.72 22.42 2.80
N CYS B 37 -14.09 22.44 1.52
CA CYS B 37 -14.45 21.21 0.82
C CYS B 37 -13.39 20.72 -0.17
N ILE B 38 -13.08 19.42 -0.06
CA ILE B 38 -12.09 18.79 -0.91
C ILE B 38 -12.77 17.58 -1.56
N TYR B 39 -12.79 17.53 -2.89
CA TYR B 39 -13.45 16.43 -3.62
C TYR B 39 -12.46 15.76 -4.58
N CYS B 40 -12.51 14.44 -4.63
CA CYS B 40 -11.46 13.66 -5.28
C CYS B 40 -12.08 12.70 -6.29
N ILE B 41 -11.43 12.56 -7.45
CA ILE B 41 -11.76 11.49 -8.39
C ILE B 41 -10.81 10.33 -8.03
N VAL B 42 -11.37 9.26 -7.47
CA VAL B 42 -10.54 8.17 -6.93
C VAL B 42 -10.19 7.11 -7.98
N ASP B 43 -9.28 7.47 -8.86
CA ASP B 43 -8.82 6.55 -9.92
C ASP B 43 -8.05 5.33 -9.41
N GLN B 44 -7.32 5.49 -8.31
CA GLN B 44 -6.64 4.34 -7.69
C GLN B 44 -7.62 3.30 -7.13
N HIS B 45 -8.76 3.75 -6.60
CA HIS B 45 -9.84 2.83 -6.20
C HIS B 45 -10.53 2.19 -7.41
N ALA B 46 -10.68 2.94 -8.49
CA ALA B 46 -11.34 2.44 -9.69
C ALA B 46 -10.66 1.19 -10.25
N ILE B 47 -9.33 1.16 -10.22
CA ILE B 47 -8.58 0.02 -10.78
C ILE B 47 -8.64 -1.27 -9.96
N THR B 48 -9.31 -1.27 -8.81
CA THR B 48 -9.63 -2.53 -8.11
C THR B 48 -10.61 -3.38 -8.95
N VAL B 49 -11.34 -2.74 -9.87
CA VAL B 49 -12.13 -3.42 -10.90
C VAL B 49 -11.46 -3.17 -12.24
N ARG B 50 -11.23 -4.24 -13.00
CA ARG B 50 -10.46 -4.18 -14.23
C ARG B 50 -11.16 -3.32 -15.28
N GLN B 51 -10.48 -2.27 -15.72
CA GLN B 51 -10.96 -1.40 -16.78
C GLN B 51 -9.99 -1.36 -17.94
N ASP B 52 -10.54 -1.12 -19.13
CA ASP B 52 -9.75 -0.76 -20.29
C ASP B 52 -9.05 0.59 -20.01
N ALA B 53 -7.80 0.71 -20.45
CA ALA B 53 -7.00 1.89 -20.16
C ALA B 53 -7.59 3.19 -20.73
N GLN B 54 -8.09 3.13 -21.97
CA GLN B 54 -8.73 4.30 -22.62
C GLN B 54 -9.99 4.71 -21.85
N LYS B 55 -10.79 3.72 -21.46
CA LYS B 55 -12.02 3.97 -20.71
C LYS B 55 -11.75 4.61 -19.35
N LEU B 56 -10.72 4.12 -18.65
CA LEU B 56 -10.32 4.71 -17.36
C LEU B 56 -9.95 6.17 -17.50
N ARG B 57 -9.11 6.49 -18.49
CA ARG B 57 -8.65 7.86 -18.69
C ARG B 57 -9.83 8.77 -19.01
N LYS B 58 -10.69 8.30 -19.92
CA LYS B 58 -11.88 9.03 -20.32
C LYS B 58 -12.86 9.22 -19.17
N ALA B 59 -13.07 8.17 -18.39
CA ALA B 59 -13.99 8.24 -17.24
C ALA B 59 -13.52 9.19 -16.14
N THR B 60 -12.20 9.30 -15.96
CA THR B 60 -11.61 10.24 -14.99
C THR B 60 -12.00 11.66 -15.38
N LEU B 61 -11.82 11.98 -16.65
CA LEU B 61 -12.15 13.31 -17.18
C LEU B 61 -13.64 13.56 -17.24
N ASP B 62 -14.43 12.53 -17.57
CA ASP B 62 -15.90 12.60 -17.51
C ASP B 62 -16.36 12.98 -16.10
N THR B 63 -15.78 12.31 -15.11
CA THR B 63 -16.14 12.49 -13.70
C THR B 63 -15.80 13.89 -13.21
N LEU B 64 -14.61 14.37 -13.58
CA LEU B 64 -14.18 15.74 -13.29
C LEU B 64 -15.17 16.77 -13.84
N ALA B 65 -15.50 16.62 -15.12
CA ALA B 65 -16.44 17.52 -15.80
C ALA B 65 -17.84 17.46 -15.19
N LEU B 66 -18.23 16.28 -14.72
CA LEU B 66 -19.51 16.08 -14.03
C LEU B 66 -19.57 16.79 -12.66
N TYR B 67 -18.48 16.74 -11.89
CA TYR B 67 -18.38 17.51 -10.66
C TYR B 67 -18.64 18.97 -10.97
N LEU B 68 -17.92 19.48 -11.98
CA LEU B 68 -18.06 20.88 -12.41
C LEU B 68 -19.48 21.20 -12.86
N ALA B 69 -20.10 20.30 -13.63
CA ALA B 69 -21.47 20.48 -14.13
C ALA B 69 -22.51 20.48 -13.01
N CYS B 70 -22.28 19.69 -11.96
CA CYS B 70 -23.14 19.69 -10.77
C CYS B 70 -23.14 21.01 -9.97
N GLY B 71 -22.11 21.84 -10.15
CA GLY B 71 -21.95 23.06 -9.37
C GLY B 71 -20.71 23.10 -8.48
N ILE B 72 -19.88 22.06 -8.51
CA ILE B 72 -18.62 22.08 -7.78
C ILE B 72 -17.74 23.15 -8.42
N ASP B 73 -17.48 24.19 -7.64
CA ASP B 73 -16.78 25.39 -8.08
C ASP B 73 -15.32 25.27 -7.65
N PRO B 74 -14.39 25.23 -8.63
CA PRO B 74 -12.96 25.18 -8.28
C PRO B 74 -12.42 26.43 -7.56
N GLU B 75 -13.15 27.55 -7.59
CA GLU B 75 -12.81 28.74 -6.78
C GLU B 75 -13.11 28.53 -5.28
N LYS B 76 -14.02 27.63 -4.97
CA LYS B 76 -14.41 27.33 -3.57
C LYS B 76 -13.82 26.04 -3.04
N SER B 77 -13.91 24.98 -3.84
CA SER B 77 -13.49 23.65 -3.44
C SER B 77 -12.20 23.22 -4.13
N THR B 78 -11.46 22.34 -3.46
CA THR B 78 -10.29 21.69 -4.04
C THR B 78 -10.77 20.46 -4.79
N ILE B 79 -10.43 20.37 -6.06
CA ILE B 79 -10.85 19.25 -6.92
C ILE B 79 -9.60 18.63 -7.51
N PHE B 80 -9.38 17.33 -7.25
CA PHE B 80 -8.17 16.64 -7.74
C PHE B 80 -8.36 15.14 -8.01
N VAL B 81 -7.40 14.60 -8.75
CA VAL B 81 -7.35 13.19 -9.10
C VAL B 81 -6.43 12.52 -8.09
N GLN B 82 -6.93 11.46 -7.48
CA GLN B 82 -6.26 10.74 -6.38
C GLN B 82 -4.80 10.35 -6.71
N SER B 83 -4.60 9.78 -7.89
CA SER B 83 -3.25 9.33 -8.30
C SER B 83 -2.21 10.46 -8.46
N HIS B 84 -2.67 11.72 -8.59
CA HIS B 84 -1.77 12.88 -8.69
C HIS B 84 -1.14 13.29 -7.36
N VAL B 85 -1.57 12.70 -6.24
CA VAL B 85 -1.03 13.02 -4.93
C VAL B 85 -0.52 11.70 -4.31
N PRO B 86 0.83 11.47 -4.35
CA PRO B 86 1.43 10.21 -3.86
C PRO B 86 1.11 9.84 -2.40
N GLU B 87 0.83 10.85 -1.59
CA GLU B 87 0.54 10.67 -0.15
C GLU B 87 -0.62 9.74 0.17
N HIS B 88 -1.56 9.59 -0.76
CA HIS B 88 -2.66 8.64 -0.58
C HIS B 88 -2.13 7.22 -0.51
N ALA B 89 -1.34 6.85 -1.50
CA ALA B 89 -0.65 5.55 -1.52
C ALA B 89 0.29 5.38 -0.32
N GLN B 90 1.02 6.42 0.05
CA GLN B 90 1.96 6.35 1.16
C GLN B 90 1.24 6.12 2.48
N LEU B 91 0.23 6.94 2.78
CA LEU B 91 -0.52 6.77 4.02
C LEU B 91 -1.30 5.46 4.01
N GLY B 92 -1.82 5.08 2.85
CA GLY B 92 -2.51 3.78 2.66
C GLY B 92 -1.66 2.59 3.07
N TRP B 93 -0.39 2.58 2.69
CA TRP B 93 0.51 1.52 3.14
C TRP B 93 0.65 1.56 4.66
N ALA B 94 1.01 2.72 5.20
CA ALA B 94 1.22 2.87 6.64
C ALA B 94 0.01 2.40 7.45
N LEU B 95 -1.18 2.81 7.02
CA LEU B 95 -2.42 2.42 7.71
C LEU B 95 -2.78 0.94 7.61
N ASN B 96 -2.28 0.21 6.60
CA ASN B 96 -2.38 -1.25 6.58
C ASN B 96 -1.84 -1.87 7.87
N CYS B 97 -0.78 -1.29 8.40
CA CYS B 97 -0.14 -1.79 9.60
C CYS B 97 -0.92 -1.54 10.89
N TYR B 98 -1.95 -0.69 10.83
CA TYR B 98 -2.83 -0.40 11.96
C TYR B 98 -4.28 -0.80 11.65
N THR B 99 -4.46 -1.75 10.74
CA THR B 99 -5.78 -2.26 10.36
C THR B 99 -5.69 -3.77 10.47
N TYR B 100 -6.71 -4.38 11.05
CA TYR B 100 -6.73 -5.84 11.20
C TYR B 100 -7.30 -6.48 9.96
N PHE B 101 -6.78 -7.67 9.66
CA PHE B 101 -7.27 -8.52 8.57
C PHE B 101 -8.77 -8.77 8.71
N GLY B 102 -9.19 -9.14 9.91
CA GLY B 102 -10.61 -9.40 10.22
C GLY B 102 -11.54 -8.24 9.91
N GLU B 103 -11.07 -7.02 10.15
CA GLU B 103 -11.82 -5.81 9.79
C GLU B 103 -12.10 -5.68 8.29
N LEU B 104 -11.17 -6.15 7.46
CA LEU B 104 -11.31 -6.07 6.00
C LEU B 104 -12.09 -7.25 5.42
N SER B 105 -11.88 -8.45 5.94
CA SER B 105 -12.61 -9.65 5.47
C SER B 105 -14.12 -9.59 5.79
N ARG B 106 -14.46 -8.90 6.88
CA ARG B 106 -15.87 -8.72 7.28
C ARG B 106 -16.64 -7.69 6.45
N MET B 107 -15.96 -6.96 5.55
CA MET B 107 -16.62 -5.91 4.76
C MET B 107 -17.65 -6.45 3.76
N THR B 108 -18.85 -5.86 3.81
CA THR B 108 -19.93 -6.14 2.88
C THR B 108 -19.54 -5.89 1.43
N GLN B 109 -18.97 -4.72 1.17
CA GLN B 109 -18.58 -4.32 -0.20
C GLN B 109 -17.59 -5.31 -0.83
N PHE B 110 -16.58 -5.72 -0.07
CA PHE B 110 -15.62 -6.73 -0.54
C PHE B 110 -16.33 -8.02 -0.92
N LYS B 111 -17.26 -8.46 -0.07
CA LYS B 111 -18.06 -9.66 -0.33
C LYS B 111 -18.98 -9.53 -1.56
N ASP B 112 -19.68 -8.40 -1.69
CA ASP B 112 -20.53 -8.15 -2.86
C ASP B 112 -19.70 -8.09 -4.15
N LYS B 113 -18.56 -7.40 -4.12
CA LYS B 113 -17.67 -7.25 -5.27
C LYS B 113 -16.97 -8.56 -5.68
N SER B 114 -16.66 -9.40 -4.69
CA SER B 114 -16.06 -10.72 -4.92
C SER B 114 -17.00 -11.65 -5.69
N ALA B 115 -18.29 -11.63 -5.32
CA ALA B 115 -19.33 -12.38 -6.05
C ALA B 115 -19.52 -11.88 -7.49
N ARG B 116 -19.52 -10.56 -7.68
CA ARG B 116 -19.71 -9.94 -9.00
C ARG B 116 -18.50 -10.12 -9.93
N TYR B 117 -17.30 -10.18 -9.37
CA TYR B 117 -16.05 -10.31 -10.14
C TYR B 117 -15.20 -11.46 -9.59
N ALA B 118 -15.73 -12.67 -9.69
CA ALA B 118 -15.06 -13.88 -9.18
C ALA B 118 -13.73 -14.21 -9.89
N GLU B 119 -13.59 -13.80 -11.16
CA GLU B 119 -12.34 -13.98 -11.91
C GLU B 119 -11.23 -12.96 -11.55
N ASN B 120 -11.58 -11.92 -10.79
CA ASN B 120 -10.60 -10.90 -10.36
C ASN B 120 -10.86 -10.46 -8.91
N ILE B 121 -10.79 -11.43 -7.98
CA ILE B 121 -10.79 -11.14 -6.54
C ILE B 121 -9.35 -10.78 -6.17
N ASN B 122 -9.03 -9.51 -6.38
CA ASN B 122 -7.65 -9.03 -6.22
C ASN B 122 -7.43 -8.41 -4.83
N ALA B 123 -6.16 -8.26 -4.50
CA ALA B 123 -5.72 -7.68 -3.23
C ALA B 123 -6.17 -6.21 -3.04
N GLY B 124 -6.30 -5.49 -4.16
CA GLY B 124 -6.74 -4.09 -4.12
C GLY B 124 -8.18 -3.99 -3.69
N LEU B 125 -9.01 -4.91 -4.18
CA LEU B 125 -10.41 -4.99 -3.80
C LEU B 125 -10.56 -5.27 -2.29
N PHE B 126 -9.70 -6.14 -1.75
CA PHE B 126 -9.66 -6.44 -0.32
C PHE B 126 -9.13 -5.27 0.51
N ASP B 127 -8.03 -4.68 0.06
CA ASP B 127 -7.38 -3.58 0.78
C ASP B 127 -8.05 -2.22 0.56
N TYR B 128 -9.08 -2.20 -0.30
CA TYR B 128 -9.90 -1.00 -0.61
C TYR B 128 -10.17 -0.04 0.57
N PRO B 129 -10.69 -0.55 1.71
CA PRO B 129 -11.03 0.38 2.80
C PRO B 129 -9.86 1.13 3.45
N VAL B 130 -8.66 0.58 3.39
CA VAL B 130 -7.50 1.21 4.04
C VAL B 130 -7.05 2.43 3.24
N LEU B 131 -6.98 2.27 1.92
CA LEU B 131 -6.73 3.42 1.04
C LEU B 131 -7.78 4.52 1.22
N MET B 132 -9.04 4.12 1.35
CA MET B 132 -10.16 5.05 1.57
C MET B 132 -10.00 5.81 2.87
N ALA B 133 -9.59 5.10 3.93
CA ALA B 133 -9.24 5.72 5.19
C ALA B 133 -8.08 6.72 5.03
N ALA B 134 -7.07 6.34 4.28
CA ALA B 134 -5.95 7.25 3.98
C ALA B 134 -6.45 8.51 3.25
N ASP B 135 -7.36 8.33 2.28
CA ASP B 135 -7.93 9.47 1.53
C ASP B 135 -8.55 10.52 2.49
N ILE B 136 -9.28 10.03 3.49
CA ILE B 136 -10.02 10.89 4.43
C ILE B 136 -9.06 11.47 5.46
N LEU B 137 -8.24 10.61 6.06
CA LEU B 137 -7.38 11.02 7.16
C LEU B 137 -6.27 12.00 6.76
N LEU B 138 -5.85 11.96 5.49
CA LEU B 138 -4.84 12.90 4.99
C LEU B 138 -5.20 14.38 5.19
N TYR B 139 -6.48 14.73 5.08
CA TYR B 139 -6.89 16.13 5.03
C TYR B 139 -7.46 16.70 6.33
N GLN B 140 -7.20 16.02 7.46
CA GLN B 140 -7.75 16.42 8.74
C GLN B 140 -9.26 16.58 8.63
N THR B 141 -9.88 15.61 7.95
CA THR B 141 -11.29 15.69 7.59
C THR B 141 -12.21 15.58 8.81
N ASN B 142 -13.15 16.52 8.88
CA ASN B 142 -14.20 16.51 9.91
C ASN B 142 -15.47 15.81 9.42
N LEU B 143 -15.88 16.08 8.17
CA LEU B 143 -17.13 15.56 7.60
C LEU B 143 -16.92 14.85 6.28
N VAL B 144 -17.64 13.75 6.09
CA VAL B 144 -17.50 12.92 4.90
C VAL B 144 -18.88 12.66 4.32
N PRO B 145 -19.28 13.41 3.27
CA PRO B 145 -20.59 13.20 2.67
C PRO B 145 -20.60 12.02 1.71
N VAL B 146 -21.32 10.98 2.09
CA VAL B 146 -21.40 9.73 1.34
C VAL B 146 -22.79 9.13 1.41
N GLY B 147 -23.05 8.16 0.52
CA GLY B 147 -24.25 7.34 0.58
C GLY B 147 -24.18 6.29 1.68
N GLU B 148 -25.32 5.68 1.97
CA GLU B 148 -25.43 4.67 3.02
C GLU B 148 -24.51 3.47 2.80
N ASP B 149 -24.26 3.10 1.55
CA ASP B 149 -23.42 1.95 1.23
C ASP B 149 -21.95 2.11 1.71
N GLN B 150 -21.53 3.34 2.01
CA GLN B 150 -20.20 3.63 2.53
C GLN B 150 -20.10 3.76 4.07
N LYS B 151 -21.19 3.54 4.82
CA LYS B 151 -21.16 3.71 6.28
C LYS B 151 -20.13 2.80 6.95
N GLN B 152 -20.09 1.55 6.49
CA GLN B 152 -19.14 0.58 7.04
C GLN B 152 -17.67 1.00 6.81
N HIS B 153 -17.34 1.44 5.59
CA HIS B 153 -15.99 1.96 5.29
C HIS B 153 -15.63 3.14 6.16
N LEU B 154 -16.60 4.01 6.37
CA LEU B 154 -16.41 5.19 7.20
C LEU B 154 -16.18 4.82 8.67
N GLU B 155 -17.00 3.89 9.19
CA GLU B 155 -16.79 3.35 10.54
C GLU B 155 -15.34 2.85 10.73
N LEU B 156 -14.79 2.17 9.74
CA LEU B 156 -13.41 1.66 9.85
C LEU B 156 -12.40 2.80 9.91
N SER B 157 -12.60 3.84 9.11
CA SER B 157 -11.71 5.01 9.10
C SER B 157 -11.65 5.69 10.46
N ARG B 158 -12.80 5.74 11.14
CA ARG B 158 -12.90 6.31 12.48
C ARG B 158 -12.13 5.44 13.47
N ASP B 159 -12.33 4.13 13.39
CA ASP B 159 -11.58 3.15 14.21
C ASP B 159 -10.07 3.24 13.99
N ILE B 160 -9.63 3.39 12.74
CA ILE B 160 -8.19 3.50 12.43
C ILE B 160 -7.62 4.80 12.99
N ALA B 161 -8.36 5.90 12.80
CA ALA B 161 -7.96 7.20 13.33
C ALA B 161 -7.81 7.17 14.85
N GLN B 162 -8.82 6.66 15.53
CA GLN B 162 -8.81 6.53 17.00
C GLN B 162 -7.67 5.65 17.50
N ARG B 163 -7.48 4.51 16.85
CA ARG B 163 -6.43 3.55 17.20
C ARG B 163 -5.03 4.15 17.01
N PHE B 164 -4.82 4.84 15.90
CA PHE B 164 -3.54 5.50 15.64
C PHE B 164 -3.30 6.65 16.62
N ASN B 165 -4.30 7.51 16.79
CA ASN B 165 -4.23 8.61 17.74
C ASN B 165 -3.91 8.14 19.18
N ALA B 166 -4.48 7.01 19.58
CA ALA B 166 -4.32 6.50 20.94
C ALA B 166 -2.86 6.11 21.22
N LEU B 167 -2.15 5.68 20.18
CA LEU B 167 -0.72 5.37 20.30
C LEU B 167 0.16 6.60 20.17
N TYR B 168 -0.19 7.52 19.28
CA TYR B 168 0.74 8.56 18.83
C TYR B 168 0.36 10.01 19.16
N GLY B 169 -0.86 10.26 19.61
CA GLY B 169 -1.32 11.63 19.89
C GLY B 169 -2.29 12.12 18.84
N GLU B 170 -2.54 13.42 18.83
CA GLU B 170 -3.58 14.02 17.99
C GLU B 170 -3.12 14.22 16.54
N ILE B 171 -2.88 13.11 15.85
CA ILE B 171 -2.35 13.15 14.47
C ILE B 171 -3.47 13.34 13.46
N PHE B 172 -4.54 12.56 13.62
CA PHE B 172 -5.72 12.62 12.75
C PHE B 172 -6.90 13.26 13.46
N LYS B 173 -7.79 13.86 12.67
CA LYS B 173 -9.16 14.10 13.10
C LYS B 173 -9.97 12.82 12.94
N VAL B 174 -10.90 12.58 13.86
CA VAL B 174 -11.84 11.49 13.74
C VAL B 174 -13.01 12.00 12.91
N PRO B 175 -13.18 11.47 11.68
CA PRO B 175 -14.19 12.02 10.78
C PRO B 175 -15.62 11.57 11.15
N GLU B 176 -16.61 12.33 10.71
CA GLU B 176 -18.02 11.95 10.85
C GLU B 176 -18.72 11.81 9.50
N PRO B 177 -19.59 10.79 9.35
CA PRO B 177 -20.40 10.67 8.14
C PRO B 177 -21.45 11.76 8.02
N PHE B 178 -21.69 12.21 6.79
CA PHE B 178 -22.82 13.08 6.47
C PHE B 178 -23.63 12.38 5.38
N ILE B 179 -24.59 11.58 5.83
CA ILE B 179 -25.47 10.81 4.97
C ILE B 179 -26.82 11.56 4.95
N PRO B 180 -27.42 11.75 3.76
CA PRO B 180 -28.67 12.53 3.72
C PRO B 180 -29.90 11.74 4.23
N LYS B 181 -30.92 12.47 4.66
CA LYS B 181 -32.16 11.89 5.19
C LYS B 181 -32.95 11.14 4.12
N SER B 182 -32.98 11.68 2.91
CA SER B 182 -33.55 11.00 1.76
C SER B 182 -32.49 10.83 0.66
N GLY B 183 -32.66 9.81 -0.16
CA GLY B 183 -31.78 9.56 -1.30
C GLY B 183 -30.40 9.04 -0.93
N ALA B 184 -30.26 8.48 0.27
CA ALA B 184 -28.99 7.93 0.75
C ALA B 184 -28.67 6.59 0.11
N ARG B 185 -29.70 5.90 -0.39
CA ARG B 185 -29.53 4.59 -1.00
C ARG B 185 -30.63 4.33 -2.04
N VAL B 186 -30.48 4.97 -3.20
CA VAL B 186 -31.43 4.89 -4.28
C VAL B 186 -31.38 3.49 -4.87
N MET B 187 -32.55 2.88 -5.04
CA MET B 187 -32.65 1.48 -5.45
C MET B 187 -32.91 1.32 -6.93
N SER B 188 -32.69 0.10 -7.42
CA SER B 188 -32.84 -0.23 -8.83
C SER B 188 -34.31 -0.22 -9.27
N LEU B 189 -34.54 0.31 -10.48
CA LEU B 189 -35.90 0.54 -10.96
C LEU B 189 -36.66 -0.75 -11.28
N LEU B 190 -35.96 -1.79 -11.72
CA LEU B 190 -36.60 -3.10 -11.97
C LEU B 190 -36.37 -4.11 -10.85
N GLU B 191 -35.58 -3.73 -9.84
CA GLU B 191 -35.29 -4.59 -8.69
C GLU B 191 -35.06 -3.70 -7.45
N PRO B 192 -36.14 -3.09 -6.91
CA PRO B 192 -36.02 -2.09 -5.84
C PRO B 192 -35.49 -2.61 -4.49
N THR B 193 -35.29 -3.91 -4.38
CA THR B 193 -34.59 -4.51 -3.23
C THR B 193 -33.06 -4.52 -3.39
N LYS B 194 -32.56 -4.13 -4.56
CA LYS B 194 -31.13 -4.02 -4.81
C LYS B 194 -30.74 -2.57 -5.12
N LYS B 195 -29.66 -2.11 -4.51
CA LYS B 195 -29.15 -0.76 -4.68
C LYS B 195 -28.89 -0.47 -6.16
N MET B 196 -29.17 0.78 -6.57
CA MET B 196 -28.88 1.20 -7.94
C MET B 196 -27.36 1.32 -8.09
N SER B 197 -26.82 0.54 -9.03
CA SER B 197 -25.39 0.39 -9.25
C SER B 197 -24.99 1.03 -10.57
N LYS B 198 -23.98 1.89 -10.56
CA LYS B 198 -23.40 2.41 -11.81
C LYS B 198 -22.73 1.35 -12.70
N SER B 199 -22.59 0.11 -12.21
CA SER B 199 -22.05 -1.02 -13.00
C SER B 199 -23.05 -2.17 -13.26
N ASP B 200 -24.34 -1.87 -13.30
CA ASP B 200 -25.36 -2.87 -13.65
C ASP B 200 -25.30 -3.01 -15.18
N ASP B 201 -25.24 -4.24 -15.69
CA ASP B 201 -25.33 -4.47 -17.16
C ASP B 201 -26.72 -4.03 -17.63
N ASN B 202 -27.73 -4.39 -16.82
CA ASN B 202 -29.11 -4.01 -17.07
C ASN B 202 -29.25 -2.50 -16.88
N ARG B 203 -29.09 -1.78 -17.99
CA ARG B 203 -29.23 -0.33 -18.02
C ARG B 203 -30.56 0.15 -17.45
N ASN B 204 -31.62 -0.63 -17.66
CA ASN B 204 -32.99 -0.30 -17.23
C ASN B 204 -33.15 -0.13 -15.71
N ASN B 205 -32.28 -0.77 -14.94
CA ASN B 205 -32.22 -0.54 -13.49
C ASN B 205 -31.73 0.85 -13.08
N VAL B 206 -31.05 1.54 -14.00
CA VAL B 206 -30.25 2.70 -13.67
C VAL B 206 -30.78 3.94 -14.38
N ILE B 207 -30.72 5.08 -13.69
CA ILE B 207 -30.86 6.40 -14.29
C ILE B 207 -29.46 7.02 -14.38
N GLY B 208 -28.93 7.11 -15.59
CA GLY B 208 -27.60 7.68 -15.80
C GLY B 208 -27.67 9.18 -15.72
N LEU B 209 -26.67 9.81 -15.10
CA LEU B 209 -26.58 11.27 -15.09
C LEU B 209 -26.36 11.80 -16.52
N LEU B 210 -25.62 11.03 -17.33
CA LEU B 210 -25.35 11.34 -18.74
C LEU B 210 -26.16 10.53 -19.77
N GLU B 211 -27.10 9.70 -19.29
CA GLU B 211 -28.04 9.01 -20.18
C GLU B 211 -29.07 10.02 -20.71
N ASP B 212 -29.51 9.78 -21.95
CA ASP B 212 -30.54 10.57 -22.63
C ASP B 212 -31.82 10.62 -21.74
N PRO B 213 -32.27 11.84 -21.35
CA PRO B 213 -33.50 12.01 -20.54
C PRO B 213 -34.73 11.22 -21.01
N LYS B 214 -34.98 11.25 -22.32
CA LYS B 214 -36.09 10.52 -22.93
C LYS B 214 -36.01 9.04 -22.56
N SER B 215 -34.83 8.45 -22.71
CA SER B 215 -34.56 7.07 -22.28
C SER B 215 -34.80 6.87 -20.77
N VAL B 216 -34.43 7.88 -19.99
CA VAL B 216 -34.68 7.91 -18.55
C VAL B 216 -36.16 8.06 -18.17
N VAL B 217 -36.92 8.89 -18.88
CA VAL B 217 -38.38 9.03 -18.63
C VAL B 217 -39.11 7.70 -18.87
N LYS B 218 -38.71 7.00 -19.93
CA LYS B 218 -39.19 5.67 -20.24
C LYS B 218 -38.87 4.68 -19.11
N LYS B 219 -37.69 4.84 -18.49
CA LYS B 219 -37.26 3.97 -17.39
C LYS B 219 -38.12 4.10 -16.12
N ILE B 220 -38.53 5.33 -15.80
CA ILE B 220 -39.38 5.58 -14.63
C ILE B 220 -40.77 4.98 -14.83
N LYS B 221 -41.34 5.17 -16.02
CA LYS B 221 -42.65 4.58 -16.37
C LYS B 221 -42.65 3.06 -16.28
N ARG B 222 -41.52 2.43 -16.59
CA ARG B 222 -41.39 0.97 -16.49
C ARG B 222 -40.95 0.47 -15.11
N ALA B 223 -40.66 1.37 -14.17
CA ALA B 223 -40.22 0.96 -12.82
C ALA B 223 -41.29 0.11 -12.15
N VAL B 224 -40.89 -0.99 -11.54
CA VAL B 224 -41.85 -1.90 -10.91
C VAL B 224 -42.41 -1.27 -9.64
N THR B 225 -43.72 -1.42 -9.45
CA THR B 225 -44.41 -0.89 -8.29
C THR B 225 -44.88 -2.07 -7.47
N ASP B 226 -46.19 -2.29 -7.36
CA ASP B 226 -46.72 -3.37 -6.54
C ASP B 226 -48.16 -3.72 -6.97
N SER B 227 -48.72 -4.76 -6.36
CA SER B 227 -50.05 -5.26 -6.72
C SER B 227 -51.21 -4.67 -5.88
N ASP B 228 -50.93 -3.65 -5.06
CA ASP B 228 -51.94 -3.14 -4.13
C ASP B 228 -53.19 -2.67 -4.86
N GLU B 229 -54.36 -3.02 -4.34
CA GLU B 229 -55.63 -2.65 -4.94
C GLU B 229 -56.55 -2.02 -3.89
N PRO B 230 -56.90 -0.73 -3.99
CA PRO B 230 -56.42 0.18 -5.05
C PRO B 230 -54.94 0.55 -4.91
N PRO B 231 -54.29 1.00 -6.00
CA PRO B 231 -52.94 1.53 -5.87
C PRO B 231 -52.95 2.71 -4.91
N VAL B 232 -51.97 2.79 -4.01
CA VAL B 232 -51.89 3.88 -3.04
C VAL B 232 -50.42 4.29 -2.90
N VAL B 233 -50.18 5.60 -2.92
CA VAL B 233 -48.83 6.16 -2.84
C VAL B 233 -48.48 6.33 -1.36
N ARG B 234 -47.84 5.31 -0.80
CA ARG B 234 -47.51 5.23 0.61
C ARG B 234 -46.12 4.60 0.78
N TYR B 235 -45.38 5.08 1.78
CA TYR B 235 -44.02 4.62 2.04
C TYR B 235 -44.02 3.37 2.91
N ASP B 236 -43.40 2.32 2.39
CA ASP B 236 -43.36 1.02 3.02
C ASP B 236 -42.33 0.20 2.23
N VAL B 237 -41.08 0.25 2.68
CA VAL B 237 -39.97 -0.40 1.95
C VAL B 237 -40.09 -1.92 1.90
N GLN B 238 -40.79 -2.49 2.88
CA GLN B 238 -40.97 -3.93 2.97
C GLN B 238 -41.97 -4.46 1.94
N ASN B 239 -43.17 -3.87 1.88
CA ASN B 239 -44.25 -4.32 0.96
C ASN B 239 -44.42 -3.45 -0.29
N LYS B 240 -43.78 -2.28 -0.34
CA LYS B 240 -43.94 -1.36 -1.46
C LYS B 240 -42.58 -0.76 -1.84
N ALA B 241 -41.61 -1.63 -2.10
CA ALA B 241 -40.23 -1.19 -2.34
C ALA B 241 -40.10 -0.20 -3.51
N GLY B 242 -40.75 -0.50 -4.62
CA GLY B 242 -40.66 0.33 -5.82
C GLY B 242 -41.31 1.69 -5.68
N VAL B 243 -42.52 1.71 -5.11
CA VAL B 243 -43.22 2.97 -4.83
C VAL B 243 -42.41 3.81 -3.83
N SER B 244 -41.89 3.16 -2.79
CA SER B 244 -41.09 3.83 -1.76
C SER B 244 -39.84 4.49 -2.34
N ASN B 245 -39.14 3.74 -3.20
CA ASN B 245 -37.97 4.24 -3.93
C ASN B 245 -38.30 5.48 -4.78
N LEU B 246 -39.47 5.45 -5.45
CA LEU B 246 -39.93 6.61 -6.22
C LEU B 246 -40.20 7.83 -5.34
N LEU B 247 -40.89 7.60 -4.21
CA LEU B 247 -41.13 8.64 -3.21
C LEU B 247 -39.84 9.22 -2.64
N ASP B 248 -38.87 8.34 -2.41
CA ASP B 248 -37.54 8.72 -1.90
C ASP B 248 -36.81 9.57 -2.92
N ILE B 249 -36.81 9.14 -4.19
CA ILE B 249 -36.22 9.93 -5.28
C ILE B 249 -36.86 11.32 -5.36
N LEU B 250 -38.20 11.36 -5.38
CA LEU B 250 -38.93 12.63 -5.48
C LEU B 250 -38.61 13.56 -4.32
N SER B 251 -38.58 13.01 -3.10
CA SER B 251 -38.24 13.75 -1.88
C SER B 251 -36.84 14.35 -1.91
N ALA B 252 -35.88 13.56 -2.38
CA ALA B 252 -34.48 13.97 -2.48
C ALA B 252 -34.25 15.07 -3.53
N VAL B 253 -35.01 15.02 -4.64
CA VAL B 253 -34.86 15.99 -5.74
C VAL B 253 -35.51 17.32 -5.38
N THR B 254 -36.70 17.26 -4.77
CA THR B 254 -37.52 18.45 -4.50
C THR B 254 -37.36 19.01 -3.09
N GLY B 255 -36.80 18.22 -2.17
CA GLY B 255 -36.64 18.62 -0.78
C GLY B 255 -37.91 18.55 0.06
N GLN B 256 -38.95 17.92 -0.47
CA GLN B 256 -40.22 17.75 0.23
C GLN B 256 -40.13 16.45 1.03
N SER B 257 -40.80 16.41 2.18
CA SER B 257 -40.77 15.22 3.03
C SER B 257 -41.68 14.12 2.48
N ILE B 258 -41.46 12.89 2.93
CA ILE B 258 -42.27 11.73 2.51
C ILE B 258 -43.71 11.90 3.00
N PRO B 259 -43.90 12.26 4.29
CA PRO B 259 -45.28 12.52 4.78
C PRO B 259 -46.02 13.61 4.01
N GLU B 260 -45.30 14.65 3.60
CA GLU B 260 -45.84 15.71 2.74
C GLU B 260 -46.23 15.16 1.36
N LEU B 261 -45.34 14.37 0.75
CA LEU B 261 -45.62 13.77 -0.56
C LEU B 261 -46.78 12.78 -0.50
N GLU B 262 -46.87 12.02 0.59
CA GLU B 262 -48.00 11.11 0.82
C GLU B 262 -49.34 11.85 0.81
N LYS B 263 -49.40 12.98 1.52
CA LYS B 263 -50.57 13.87 1.50
C LYS B 263 -50.85 14.38 0.09
N GLN B 264 -49.79 14.81 -0.60
CA GLN B 264 -49.89 15.31 -1.98
C GLN B 264 -50.48 14.28 -2.95
N PHE B 265 -50.13 13.01 -2.79
CA PHE B 265 -50.64 11.95 -3.67
C PHE B 265 -51.89 11.23 -3.14
N GLU B 266 -52.58 11.82 -2.15
CA GLU B 266 -53.81 11.25 -1.60
C GLU B 266 -54.86 11.17 -2.71
N GLY B 267 -55.46 9.98 -2.88
CA GLY B 267 -56.42 9.74 -3.96
C GLY B 267 -55.84 9.61 -5.36
N LYS B 268 -54.51 9.69 -5.49
CA LYS B 268 -53.84 9.58 -6.77
C LYS B 268 -53.23 8.19 -6.81
N MET B 269 -52.76 7.78 -7.99
CA MET B 269 -52.19 6.46 -8.17
C MET B 269 -50.77 6.57 -8.72
N TYR B 270 -50.20 5.49 -9.25
CA TYR B 270 -48.78 5.47 -9.60
C TYR B 270 -48.42 6.24 -10.87
N GLY B 271 -49.39 6.40 -11.78
CA GLY B 271 -49.24 7.30 -12.92
C GLY B 271 -48.87 8.74 -12.54
N HIS B 272 -49.54 9.27 -11.51
CA HIS B 272 -49.22 10.62 -10.99
C HIS B 272 -47.83 10.66 -10.37
N LEU B 273 -47.54 9.68 -9.52
CA LEU B 273 -46.25 9.53 -8.88
C LEU B 273 -45.13 9.51 -9.91
N LYS B 274 -45.26 8.63 -10.90
CA LYS B 274 -44.25 8.46 -11.95
C LYS B 274 -44.14 9.67 -12.88
N GLY B 275 -45.26 10.33 -13.16
CA GLY B 275 -45.23 11.59 -13.90
C GLY B 275 -44.40 12.63 -13.18
N GLU B 276 -44.65 12.76 -11.88
CA GLU B 276 -43.97 13.74 -11.05
C GLU B 276 -42.48 13.43 -10.81
N VAL B 277 -42.15 12.15 -10.68
CA VAL B 277 -40.76 11.69 -10.57
C VAL B 277 -40.01 11.96 -11.87
N ALA B 278 -40.57 11.50 -13.00
CA ALA B 278 -39.98 11.72 -14.33
C ALA B 278 -39.73 13.19 -14.60
N ASP B 279 -40.72 14.02 -14.27
CA ASP B 279 -40.63 15.47 -14.46
C ASP B 279 -39.44 16.06 -13.72
N ALA B 280 -39.38 15.80 -12.41
CA ALA B 280 -38.29 16.27 -11.54
C ALA B 280 -36.89 15.79 -11.97
N VAL B 281 -36.78 14.55 -12.45
CA VAL B 281 -35.49 13.97 -12.84
C VAL B 281 -35.08 14.33 -14.28
N SER B 282 -36.01 14.21 -15.23
CA SER B 282 -35.75 14.65 -16.63
C SER B 282 -35.27 16.10 -16.68
N GLY B 283 -35.80 16.93 -15.77
CA GLY B 283 -35.37 18.31 -15.59
C GLY B 283 -33.94 18.53 -15.15
N MET B 284 -33.52 17.84 -14.08
CA MET B 284 -32.16 17.96 -13.55
C MET B 284 -31.11 17.57 -14.60
N LEU B 285 -31.33 16.40 -15.20
CA LEU B 285 -30.43 15.84 -16.23
C LEU B 285 -30.23 16.71 -17.49
N THR B 286 -31.31 17.31 -18.00
CA THR B 286 -31.20 18.20 -19.15
C THR B 286 -30.29 19.40 -18.85
N GLU B 287 -30.55 20.06 -17.71
CA GLU B 287 -29.72 21.18 -17.24
C GLU B 287 -28.28 20.72 -17.01
N LEU B 288 -28.14 19.62 -16.29
CA LEU B 288 -26.85 19.10 -15.90
C LEU B 288 -25.98 18.76 -17.11
N GLN B 289 -26.58 18.02 -18.06
CA GLN B 289 -25.90 17.65 -19.31
C GLN B 289 -25.56 18.85 -20.21
N GLU B 290 -26.32 19.94 -20.06
CA GLU B 290 -26.06 21.21 -20.75
C GLU B 290 -24.81 21.93 -20.20
N ARG B 291 -24.64 22.00 -18.89
CA ARG B 291 -23.38 22.50 -18.30
C ARG B 291 -22.19 21.56 -18.62
N TYR B 292 -22.45 20.26 -18.63
CA TYR B 292 -21.43 19.21 -18.75
C TYR B 292 -20.50 19.37 -19.97
N HIS B 293 -21.10 19.53 -21.15
CA HIS B 293 -20.32 19.56 -22.39
C HIS B 293 -19.42 20.79 -22.48
N ARG B 294 -19.91 21.91 -21.97
CA ARG B 294 -19.13 23.15 -21.84
C ARG B 294 -17.82 22.90 -21.09
N PHE B 295 -17.92 22.14 -19.99
CA PHE B 295 -16.75 21.77 -19.20
C PHE B 295 -15.95 20.65 -19.85
N ARG B 296 -16.63 19.59 -20.28
CA ARG B 296 -15.98 18.37 -20.74
C ARG B 296 -15.14 18.54 -22.01
N ASN B 297 -15.58 19.44 -22.89
CA ASN B 297 -14.85 19.72 -24.14
C ASN B 297 -13.79 20.82 -24.01
N ASP B 298 -13.64 21.37 -22.80
CA ASP B 298 -12.65 22.40 -22.54
C ASP B 298 -11.45 21.77 -21.84
N GLU B 299 -10.54 21.15 -22.60
CA GLU B 299 -9.40 20.44 -22.01
C GLU B 299 -8.45 21.33 -21.20
N ALA B 300 -8.20 22.56 -21.67
CA ALA B 300 -7.33 23.50 -20.95
C ALA B 300 -7.85 23.82 -19.57
N PHE B 301 -9.17 24.03 -19.46
CA PHE B 301 -9.81 24.29 -18.18
C PHE B 301 -9.74 23.07 -17.26
N LEU B 302 -10.04 21.88 -17.78
CA LEU B 302 -9.93 20.64 -17.00
C LEU B 302 -8.50 20.39 -16.52
N GLN B 303 -7.53 20.64 -17.39
CA GLN B 303 -6.10 20.56 -17.04
C GLN B 303 -5.74 21.55 -15.91
N GLN B 304 -6.26 22.77 -16.00
CA GLN B 304 -6.02 23.80 -14.96
C GLN B 304 -6.62 23.42 -13.60
N VAL B 305 -7.85 22.93 -13.60
CA VAL B 305 -8.53 22.49 -12.37
C VAL B 305 -7.73 21.37 -11.70
N MET B 306 -7.31 20.36 -12.48
CA MET B 306 -6.47 19.28 -11.95
C MET B 306 -5.13 19.76 -11.37
N LYS B 307 -4.45 20.64 -12.09
CA LYS B 307 -3.18 21.22 -11.63
C LYS B 307 -3.36 21.96 -10.30
N ASP B 308 -4.29 22.90 -10.27
CA ASP B 308 -4.52 23.72 -9.08
C ASP B 308 -4.98 22.89 -7.89
N GLY B 309 -5.90 21.97 -8.15
CA GLY B 309 -6.42 21.09 -7.12
C GLY B 309 -5.39 20.17 -6.51
N ALA B 310 -4.56 19.53 -7.35
CA ALA B 310 -3.47 18.70 -6.84
C ALA B 310 -2.45 19.50 -6.01
N GLU B 311 -2.14 20.74 -6.43
CA GLU B 311 -1.29 21.65 -5.64
C GLU B 311 -1.84 21.84 -4.23
N LYS B 312 -3.11 22.24 -4.17
CA LYS B 312 -3.77 22.52 -2.89
C LYS B 312 -3.80 21.29 -2.02
N ALA B 313 -4.24 20.16 -2.61
CA ALA B 313 -4.29 18.88 -1.92
C ALA B 313 -2.94 18.43 -1.35
N SER B 314 -1.87 18.51 -2.14
CA SER B 314 -0.54 18.07 -1.71
C SER B 314 -0.01 18.83 -0.50
N ALA B 315 -0.29 20.14 -0.47
CA ALA B 315 0.07 20.98 0.68
C ALA B 315 -0.52 20.42 1.99
N HIS B 316 -1.80 20.09 1.98
CA HIS B 316 -2.46 19.47 3.13
C HIS B 316 -1.93 18.06 3.41
N ALA B 317 -1.89 17.22 2.38
CA ALA B 317 -1.52 15.81 2.53
C ALA B 317 -0.08 15.62 3.02
N SER B 318 0.87 16.36 2.44
CA SER B 318 2.28 16.28 2.88
C SER B 318 2.43 16.64 4.36
N ARG B 319 1.68 17.66 4.79
CA ARG B 319 1.71 18.10 6.18
C ARG B 319 1.30 16.96 7.11
N THR B 320 0.20 16.28 6.79
CA THR B 320 -0.26 15.15 7.61
C THR B 320 0.69 13.95 7.54
N LEU B 321 1.16 13.61 6.34
CA LEU B 321 2.07 12.47 6.20
C LEU B 321 3.38 12.67 6.95
N LYS B 322 3.88 13.90 6.96
CA LYS B 322 5.07 14.26 7.75
C LYS B 322 4.89 13.92 9.23
N ALA B 323 3.76 14.35 9.80
CA ALA B 323 3.42 14.04 11.21
C ALA B 323 3.24 12.54 11.47
N VAL B 324 2.63 11.85 10.52
CA VAL B 324 2.45 10.40 10.60
C VAL B 324 3.82 9.70 10.60
N TYR B 325 4.65 10.04 9.64
CA TYR B 325 5.99 9.45 9.53
C TYR B 325 6.87 9.76 10.75
N GLU B 326 6.79 11.00 11.25
CA GLU B 326 7.50 11.34 12.49
C GLU B 326 7.04 10.48 13.67
N ALA B 327 5.74 10.34 13.82
CA ALA B 327 5.16 9.58 14.93
C ALA B 327 5.48 8.09 14.91
N ILE B 328 5.39 7.44 13.75
CA ILE B 328 5.68 6.00 13.66
C ILE B 328 7.17 5.66 13.80
N GLY B 329 8.05 6.62 13.51
CA GLY B 329 9.48 6.47 13.73
C GLY B 329 10.36 6.41 12.49
N PHE B 330 9.88 6.88 11.35
CA PHE B 330 10.71 6.91 10.15
C PHE B 330 11.71 8.06 10.23
N VAL B 331 12.89 7.84 9.68
CA VAL B 331 13.86 8.91 9.45
C VAL B 331 13.23 9.84 8.43
N ALA B 332 13.19 11.13 8.75
CA ALA B 332 12.55 12.11 7.90
C ALA B 332 13.38 12.34 6.65
N LYS B 333 12.69 12.43 5.52
CA LYS B 333 13.32 12.82 4.25
C LYS B 333 13.65 14.30 4.34
N ARG B 334 14.89 14.67 4.05
CA ARG B 334 15.31 16.07 4.07
C ARG B 334 15.87 16.47 2.70
N O8U C . -1.50 2.39 -0.27
C4 O8U C . -0.85 1.20 -0.43
C3 O8U C . 0.47 1.15 -0.88
C2 O8U C . 1.07 -0.05 -1.18
C5 O8U C . -1.52 -0.01 -0.20
C6 O8U C . -0.91 -1.22 -0.49
C1 O8U C . 0.37 -1.24 -1.02
O O8U C . 0.69 -2.51 -1.42
C O8U C . 2.03 -2.97 -1.25
S SO4 D . 20.21 -15.01 8.08
O1 SO4 D . 21.34 -15.73 7.44
O2 SO4 D . 20.70 -14.17 9.21
O3 SO4 D . 19.60 -14.13 7.07
O4 SO4 D . 19.22 -15.97 8.62
P TYM E . -18.78 5.27 -5.71
O1P TYM E . -17.85 6.03 -6.64
O2P TYM E . -19.16 3.83 -6.03
O5' TYM E . -20.11 6.17 -5.48
C5' TYM E . -19.97 7.55 -5.15
C4' TYM E . -20.87 7.95 -3.99
O4' TYM E . -22.22 7.65 -4.33
C1' TYM E . -22.83 6.87 -3.29
N9 TYM E . -23.79 5.93 -3.92
C4 TYM E . -25.11 6.03 -3.77
N3 TYM E . -25.93 6.86 -3.08
C2 TYM E . -27.27 6.69 -3.12
N1 TYM E . -27.87 5.71 -3.84
C6 TYM E . -27.16 4.81 -4.56
N6 TYM E . -27.75 3.83 -5.27
C5 TYM E . -25.68 4.94 -4.57
N7 TYM E . -24.65 4.27 -5.13
C8 TYM E . -23.51 4.90 -4.72
C2' TYM E . -21.69 6.20 -2.54
O2' TYM E . -22.04 5.98 -1.17
C3' TYM E . -20.57 7.22 -2.67
O3' TYM E . -20.60 8.13 -1.56
NH3 TYM E . -15.61 4.22 -1.81
CA TYM E . -16.32 5.25 -2.53
CB TYM E . -15.34 6.22 -3.18
CG TYM E . -14.34 6.75 -2.19
CD2 TYM E . -14.56 7.69 -1.07
CE2 TYM E . -13.24 7.89 -0.46
CE3 TYM E . -15.69 8.35 -0.57
CD1 TYM E . -12.99 6.46 -2.16
NE1 TYM E . -12.37 7.12 -1.14
CZ2 TYM E . -13.13 8.72 0.64
CZ3 TYM E . -15.52 9.19 0.53
CH2 TYM E . -14.27 9.38 1.13
C TYM E . -17.12 4.66 -3.65
O TYM E . -16.81 3.59 -4.14
OPP TYM E . -18.28 5.35 -4.17
C1 EDO F . -22.35 1.98 -7.11
O1 EDO F . -22.09 3.33 -7.48
C2 EDO F . -21.61 0.99 -8.00
O2 EDO F . -21.35 -0.26 -7.34
#